data_3U5Y
#
_entry.id   3U5Y
#
_cell.length_a   104.927
_cell.length_b   129.203
_cell.length_c   216.798
_cell.angle_alpha   90.00
_cell.angle_beta   90.00
_cell.angle_gamma   90.00
#
_symmetry.space_group_name_H-M   'I 2 2 2'
#
loop_
_entity.id
_entity.type
_entity.pdbx_description
1 polymer Raucaffricine-O-beta-D-glucosidase
2 non-polymer Secologanin
3 non-polymer 'CHLORIDE ION'
4 water water
#
_entity_poly.entity_id   1
_entity_poly.type   'polypeptide(L)'
_entity_poly.pdbx_seq_one_letter_code
;MATQSSAVIDSNDATRISRSDFPADFIMGTGSSAYQIEGGARDGGRGPSIWDTFTHRRPDMIRGGTNGDVAVDSYHLYKE
DVNILKNLGLDAYRFSISWSRVLPGGRLSGGVNKEGINYYNNLIDGLLANGIKPFVTLFHWDVPQALEDEYGGFLSPRIV
DDFCEYAELCFWEFGDRVKHWMTLNQPWTFSVHGYATGLYAPGRGRTSPEHVNHPTVQHRCSTVAPQCICSTGNPGTEPY
WVTHHLLLAHAAAVELYKNKFQRGQEGQIGISHATQWMEPWDENSASDVEAAARALDFMLGWFMEPITSGDYPKSMKKFV
GSRLPKFSPEQSKMLKGSYDFVGLNYYTASYVTNASTNSSGSNNFSYNTDIHVTYETDRNGVPIGPQSGSDWLLIYPEGI
RKILVYTKKTYNVPLIYVTENGVDDVKNTNLTLSEARKDSMRLKYLQDHIFNVRQAMNDGVNVKGYFAWSLLDNFEWGEG
YGVRFGIIHIDYNDNFARYPKDSAVWLMNSFHK
;
_entity_poly.pdbx_strand_id   A,B
#
loop_
_chem_comp.id
_chem_comp.type
_chem_comp.name
_chem_comp.formula
CL non-polymer 'CHLORIDE ION' 'Cl -1'
SCG D-saccharide Secologanin 'C17 H24 O10'
#
# COMPACT_ATOMS: atom_id res chain seq x y z
N ASP A 13 -2.74 27.49 31.93
CA ASP A 13 -2.32 26.11 31.54
C ASP A 13 -2.88 25.60 30.18
N ALA A 14 -2.05 24.86 29.45
CA ALA A 14 -2.30 24.51 28.06
C ALA A 14 -3.51 23.61 27.82
N THR A 15 -3.67 22.56 28.62
CA THR A 15 -4.75 21.59 28.39
C THR A 15 -6.15 22.19 28.46
N ARG A 16 -6.26 23.41 28.96
CA ARG A 16 -7.56 24.05 29.16
C ARG A 16 -7.86 25.02 28.04
N ILE A 17 -6.90 25.21 27.15
CA ILE A 17 -7.03 26.17 26.07
C ILE A 17 -8.26 25.84 25.21
N SER A 18 -9.00 26.87 24.82
CA SER A 18 -10.24 26.68 24.09
C SER A 18 -10.54 27.94 23.30
N ARG A 19 -11.56 27.89 22.46
CA ARG A 19 -11.87 29.04 21.61
C ARG A 19 -12.20 30.32 22.35
N SER A 20 -12.60 30.22 23.61
CA SER A 20 -13.00 31.42 24.32
C SER A 20 -11.79 32.17 24.87
N ASP A 21 -10.63 31.55 24.80
CA ASP A 21 -9.39 32.27 25.09
C ASP A 21 -8.96 33.22 23.96
N PHE A 22 -9.69 33.27 22.86
CA PHE A 22 -9.25 34.05 21.70
C PHE A 22 -10.26 35.10 21.28
N PRO A 23 -9.83 36.07 20.48
CA PRO A 23 -10.81 37.04 19.99
C PRO A 23 -11.87 36.38 19.09
N ALA A 24 -13.00 37.06 18.94
CA ALA A 24 -14.11 36.53 18.16
C ALA A 24 -13.74 36.27 16.71
N ASP A 25 -13.03 37.20 16.08
CA ASP A 25 -12.70 37.04 14.67
C ASP A 25 -11.58 36.04 14.39
N PHE A 26 -11.02 35.42 15.43
CA PHE A 26 -9.91 34.49 15.25
C PHE A 26 -10.38 33.28 14.45
N ILE A 27 -9.51 32.69 13.64
CA ILE A 27 -9.88 31.65 12.70
C ILE A 27 -9.13 30.35 12.97
N MET A 28 -9.83 29.23 12.99
CA MET A 28 -9.19 27.92 13.19
C MET A 28 -9.44 27.09 11.95
N GLY A 29 -8.50 26.22 11.59
CA GLY A 29 -8.63 25.45 10.37
C GLY A 29 -7.65 24.30 10.25
N THR A 30 -7.63 23.65 9.09
CA THR A 30 -6.78 22.51 8.82
C THR A 30 -6.32 22.70 7.38
N GLY A 31 -5.52 21.79 6.83
CA GLY A 31 -5.00 22.02 5.50
C GLY A 31 -4.44 20.79 4.86
N SER A 32 -4.14 20.89 3.57
CA SER A 32 -3.63 19.80 2.76
C SER A 32 -2.92 20.45 1.57
N SER A 33 -2.28 19.66 0.72
CA SER A 33 -1.79 20.21 -0.55
C SER A 33 -2.19 19.23 -1.64
N ALA A 34 -2.22 19.72 -2.87
CA ALA A 34 -2.89 18.99 -3.92
C ALA A 34 -2.29 17.65 -4.12
N TYR A 35 -0.96 17.58 -4.27
CA TYR A 35 -0.35 16.30 -4.68
C TYR A 35 -0.36 15.25 -3.55
N GLN A 36 -0.36 15.71 -2.32
CA GLN A 36 -0.39 14.81 -1.17
C GLN A 36 -1.74 14.12 -0.97
N ILE A 37 -2.86 14.78 -1.34
CA ILE A 37 -4.20 14.17 -1.14
C ILE A 37 -5.00 13.74 -2.37
N GLU A 38 -4.93 14.50 -3.46
CA GLU A 38 -5.85 14.30 -4.60
C GLU A 38 -5.86 12.93 -5.23
N GLY A 39 -4.69 12.41 -5.59
CA GLY A 39 -4.67 11.29 -6.55
C GLY A 39 -5.33 11.80 -7.84
N GLY A 40 -5.93 10.88 -8.60
CA GLY A 40 -6.51 11.18 -9.89
C GLY A 40 -5.47 11.86 -10.74
N ALA A 41 -4.24 11.32 -10.70
CA ALA A 41 -3.07 11.98 -11.26
C ALA A 41 -3.22 12.14 -12.76
N ARG A 42 -3.72 11.10 -13.42
CA ARG A 42 -4.06 11.10 -14.83
C ARG A 42 -5.60 11.05 -15.12
N ASP A 43 -6.45 11.57 -14.20
CA ASP A 43 -7.89 11.63 -14.41
C ASP A 43 -8.36 13.04 -14.66
N GLY A 44 -9.50 13.15 -15.35
CA GLY A 44 -10.11 14.44 -15.58
C GLY A 44 -9.18 15.37 -16.33
N GLY A 45 -8.33 14.81 -17.19
CA GLY A 45 -7.39 15.58 -17.97
C GLY A 45 -6.19 16.23 -17.29
N ARG A 46 -5.88 15.90 -16.02
CA ARG A 46 -4.68 16.47 -15.37
C ARG A 46 -3.40 16.19 -16.16
N GLY A 47 -2.54 17.18 -16.30
CA GLY A 47 -1.19 16.85 -16.82
C GLY A 47 -0.17 16.59 -15.69
N PRO A 48 0.95 15.95 -16.03
CA PRO A 48 1.98 15.57 -15.03
C PRO A 48 2.72 16.77 -14.44
N SER A 49 3.00 16.70 -13.14
CA SER A 49 3.87 17.65 -12.49
C SER A 49 5.26 17.01 -12.28
N ILE A 50 6.22 17.77 -11.77
CA ILE A 50 7.57 17.21 -11.58
C ILE A 50 7.59 16.11 -10.49
N TRP A 51 6.66 16.21 -9.54
CA TRP A 51 6.48 15.09 -8.59
C TRP A 51 5.97 13.80 -9.20
N ASP A 52 5.11 13.91 -10.21
CA ASP A 52 4.75 12.70 -10.94
C ASP A 52 5.97 12.06 -11.53
N THR A 53 6.78 12.86 -12.24
CA THR A 53 7.89 12.24 -12.97
C THR A 53 8.94 11.73 -11.99
N PHE A 54 9.23 12.50 -10.96
CA PHE A 54 10.27 12.12 -10.01
C PHE A 54 9.93 10.77 -9.33
N THR A 55 8.74 10.67 -8.75
CA THR A 55 8.30 9.40 -8.12
C THR A 55 8.22 8.25 -9.11
N HIS A 56 7.94 8.53 -10.38
CA HIS A 56 7.86 7.39 -11.33
C HIS A 56 9.20 7.03 -11.96
N ARG A 57 10.07 8.01 -12.13
CA ARG A 57 11.35 7.68 -12.76
C ARG A 57 12.41 7.32 -11.72
N ARG A 58 12.25 7.83 -10.50
CA ARG A 58 13.22 7.63 -9.44
C ARG A 58 12.56 7.09 -8.16
N PRO A 59 11.98 5.88 -8.27
CA PRO A 59 11.25 5.31 -7.17
C PRO A 59 12.18 5.03 -5.99
N ASP A 60 13.45 4.69 -6.28
CA ASP A 60 14.47 4.52 -5.24
C ASP A 60 14.55 5.72 -4.32
N MET A 61 14.04 6.87 -4.73
CA MET A 61 14.11 8.05 -3.88
C MET A 61 12.92 8.21 -2.95
N ILE A 62 11.99 7.27 -3.01
CA ILE A 62 10.81 7.35 -2.15
C ILE A 62 10.70 6.11 -1.28
N ARG A 63 10.51 6.31 0.02
CA ARG A 63 10.27 5.17 0.89
C ARG A 63 9.16 4.29 0.35
N GLY A 64 9.48 3.06 0.01
CA GLY A 64 8.50 2.13 -0.49
C GLY A 64 8.38 2.19 -1.98
N GLY A 65 9.02 3.18 -2.61
CA GLY A 65 8.94 3.29 -4.06
C GLY A 65 7.53 3.66 -4.53
N THR A 66 6.80 4.40 -3.71
CA THR A 66 5.44 4.75 -4.00
C THR A 66 5.35 6.15 -4.58
N ASN A 67 4.14 6.52 -4.96
CA ASN A 67 3.88 7.82 -5.60
C ASN A 67 2.44 8.25 -5.28
N GLY A 68 2.08 9.47 -5.65
CA GLY A 68 0.74 9.98 -5.42
C GLY A 68 -0.22 9.80 -6.61
N ASP A 69 -0.12 8.71 -7.37
CA ASP A 69 -1.08 8.49 -8.43
C ASP A 69 -2.54 8.44 -7.90
N VAL A 70 -2.72 7.77 -6.75
CA VAL A 70 -4.02 7.64 -6.09
C VAL A 70 -4.02 8.40 -4.77
N ALA A 71 -2.88 8.40 -4.08
CA ALA A 71 -2.73 9.14 -2.82
C ALA A 71 -3.87 8.71 -1.89
N VAL A 72 -4.62 9.63 -1.28
CA VAL A 72 -5.82 9.22 -0.53
C VAL A 72 -7.14 9.52 -1.25
N ASP A 73 -7.05 9.70 -2.58
CA ASP A 73 -8.18 9.82 -3.49
C ASP A 73 -9.14 10.95 -3.20
N SER A 74 -8.68 12.05 -2.65
CA SER A 74 -9.62 13.15 -2.47
C SER A 74 -10.19 13.67 -3.79
N TYR A 75 -9.59 13.30 -4.90
CA TYR A 75 -10.12 13.76 -6.16
C TYR A 75 -11.54 13.21 -6.28
N HIS A 76 -11.70 11.93 -6.00
CA HIS A 76 -13.01 11.27 -6.06
C HIS A 76 -13.80 11.36 -4.76
N LEU A 77 -13.14 11.47 -3.61
CA LEU A 77 -13.82 11.39 -2.32
C LEU A 77 -14.00 12.71 -1.67
N TYR A 78 -13.85 13.79 -2.41
CA TYR A 78 -13.98 15.09 -1.76
C TYR A 78 -15.30 15.36 -1.03
N LYS A 79 -16.39 14.74 -1.45
CA LYS A 79 -17.67 14.98 -0.74
C LYS A 79 -17.54 14.47 0.69
N GLU A 80 -16.87 13.35 0.83
CA GLU A 80 -16.59 12.81 2.14
C GLU A 80 -15.65 13.70 2.97
N ASP A 81 -14.58 14.23 2.36
CA ASP A 81 -13.69 15.17 3.07
C ASP A 81 -14.48 16.37 3.53
N VAL A 82 -15.42 16.80 2.71
CA VAL A 82 -16.19 17.98 3.11
C VAL A 82 -17.11 17.70 4.30
N ASN A 83 -17.61 16.47 4.35
CA ASN A 83 -18.46 16.07 5.43
C ASN A 83 -17.64 16.05 6.72
N ILE A 84 -16.49 15.41 6.65
CA ILE A 84 -15.53 15.48 7.78
C ILE A 84 -15.33 16.93 8.25
N LEU A 85 -15.04 17.83 7.31
CA LEU A 85 -14.81 19.22 7.67
C LEU A 85 -16.01 19.83 8.34
N LYS A 86 -17.20 19.48 7.85
CA LYS A 86 -18.41 19.98 8.45
C LYS A 86 -18.50 19.39 9.87
N ASN A 87 -18.29 18.11 10.03
CA ASN A 87 -18.34 17.55 11.39
C ASN A 87 -17.31 18.17 12.35
N LEU A 88 -16.13 18.47 11.82
CA LEU A 88 -15.05 19.00 12.64
C LEU A 88 -15.42 20.39 13.17
N GLY A 89 -16.17 21.17 12.39
CA GLY A 89 -16.70 22.44 12.91
C GLY A 89 -15.80 23.66 12.98
N LEU A 90 -14.64 23.64 12.32
CA LEU A 90 -13.73 24.79 12.34
C LEU A 90 -14.08 25.77 11.22
N ASP A 91 -13.51 26.98 11.27
CA ASP A 91 -13.90 28.05 10.35
C ASP A 91 -13.39 27.92 8.94
N ALA A 92 -12.27 27.24 8.74
CA ALA A 92 -11.59 27.39 7.47
C ALA A 92 -10.83 26.18 7.09
N TYR A 93 -10.57 26.07 5.80
CA TYR A 93 -9.83 24.96 5.22
C TYR A 93 -8.85 25.50 4.15
N ARG A 94 -7.61 25.01 4.21
CA ARG A 94 -6.52 25.52 3.40
C ARG A 94 -6.19 24.42 2.44
N PHE A 95 -6.19 24.68 1.15
CA PHE A 95 -5.83 23.63 0.22
C PHE A 95 -5.11 24.30 -0.95
N SER A 96 -4.51 23.52 -1.82
CA SER A 96 -3.81 24.17 -2.92
C SER A 96 -4.38 23.66 -4.22
N ILE A 97 -4.19 24.40 -5.30
CA ILE A 97 -4.63 23.97 -6.62
C ILE A 97 -3.49 23.32 -7.34
N SER A 98 -3.76 22.23 -8.06
CA SER A 98 -2.74 21.64 -8.89
C SER A 98 -2.65 22.30 -10.29
N TRP A 99 -1.61 23.12 -10.44
CA TRP A 99 -1.33 23.91 -11.65
C TRP A 99 -1.61 23.09 -12.89
N SER A 100 -1.07 21.88 -12.95
CA SER A 100 -1.19 21.09 -14.14
C SER A 100 -2.53 20.33 -14.26
N ARG A 101 -3.36 20.46 -13.23
CA ARG A 101 -4.74 20.01 -13.33
C ARG A 101 -5.56 21.04 -14.13
N VAL A 102 -5.48 22.32 -13.77
CA VAL A 102 -6.17 23.33 -14.55
C VAL A 102 -5.47 23.67 -15.91
N LEU A 103 -4.14 23.62 -15.94
CA LEU A 103 -3.38 23.85 -17.18
C LEU A 103 -2.41 22.72 -17.39
N PRO A 104 -2.82 21.70 -18.13
CA PRO A 104 -2.03 20.48 -18.15
C PRO A 104 -0.69 20.65 -18.83
N GLY A 105 -0.56 21.71 -19.60
CA GLY A 105 0.70 21.98 -20.31
C GLY A 105 1.33 23.19 -19.66
N GLY A 106 0.84 23.52 -18.48
CA GLY A 106 1.45 24.60 -17.72
C GLY A 106 1.22 25.97 -18.29
N ARG A 107 1.36 26.13 -19.60
CA ARG A 107 1.05 27.45 -20.19
C ARG A 107 -0.27 27.42 -20.97
N LEU A 108 -0.86 28.60 -21.18
CA LEU A 108 -2.14 28.73 -21.85
C LEU A 108 -2.26 27.94 -23.15
N SER A 109 -1.24 27.99 -24.00
CA SER A 109 -1.33 27.32 -25.29
C SER A 109 -1.32 25.81 -25.14
N GLY A 110 -1.13 25.33 -23.92
CA GLY A 110 -1.16 23.89 -23.72
C GLY A 110 -2.59 23.38 -23.50
N GLY A 111 -3.56 24.30 -23.42
CA GLY A 111 -4.98 23.93 -23.27
C GLY A 111 -5.52 24.25 -21.88
N VAL A 112 -6.74 24.75 -21.79
CA VAL A 112 -7.36 25.01 -20.49
C VAL A 112 -8.27 23.84 -20.16
N ASN A 113 -8.12 23.25 -18.98
CA ASN A 113 -8.85 22.02 -18.66
C ASN A 113 -10.12 22.30 -17.85
N LYS A 114 -11.26 22.38 -18.55
CA LYS A 114 -12.57 22.64 -17.90
C LYS A 114 -12.87 21.70 -16.77
N GLU A 115 -12.59 20.42 -16.98
CA GLU A 115 -12.88 19.41 -15.98
C GLU A 115 -12.12 19.66 -14.67
N GLY A 116 -10.91 20.22 -14.75
CA GLY A 116 -10.13 20.44 -13.54
C GLY A 116 -10.66 21.66 -12.85
N ILE A 117 -11.01 22.66 -13.64
CA ILE A 117 -11.71 23.83 -13.11
C ILE A 117 -13.04 23.45 -12.41
N ASN A 118 -13.81 22.57 -13.03
CA ASN A 118 -15.05 22.08 -12.43
C ASN A 118 -14.84 21.40 -11.06
N TYR A 119 -13.84 20.53 -10.97
CA TYR A 119 -13.45 19.97 -9.69
C TYR A 119 -13.24 21.00 -8.57
N TYR A 120 -12.36 22.00 -8.77
CA TYR A 120 -12.19 23.01 -7.72
C TYR A 120 -13.46 23.82 -7.43
N ASN A 121 -14.29 24.04 -8.44
CA ASN A 121 -15.53 24.79 -8.20
C ASN A 121 -16.48 23.96 -7.31
N ASN A 122 -16.56 22.67 -7.56
CA ASN A 122 -17.36 21.75 -6.73
C ASN A 122 -16.84 21.73 -5.31
N LEU A 123 -15.51 21.59 -5.16
CA LEU A 123 -14.87 21.62 -3.84
C LEU A 123 -15.22 22.90 -3.16
N ILE A 124 -15.01 24.03 -3.84
CA ILE A 124 -15.27 25.34 -3.22
C ILE A 124 -16.74 25.59 -2.83
N ASP A 125 -17.68 25.30 -3.75
CA ASP A 125 -19.11 25.46 -3.42
C ASP A 125 -19.45 24.52 -2.28
N GLY A 126 -18.99 23.27 -2.36
CA GLY A 126 -19.19 22.32 -1.24
C GLY A 126 -18.79 22.93 0.10
N LEU A 127 -17.62 23.57 0.17
CA LEU A 127 -17.16 24.13 1.45
C LEU A 127 -18.02 25.30 1.83
N LEU A 128 -18.34 26.15 0.86
CA LEU A 128 -19.19 27.29 1.19
C LEU A 128 -20.61 26.84 1.62
N ALA A 129 -21.14 25.80 0.99
CA ALA A 129 -22.47 25.34 1.38
C ALA A 129 -22.46 25.01 2.86
N ASN A 130 -21.30 24.66 3.40
CA ASN A 130 -21.21 24.19 4.76
C ASN A 130 -20.61 25.17 5.76
N GLY A 131 -20.57 26.45 5.40
CA GLY A 131 -20.02 27.47 6.30
C GLY A 131 -18.50 27.43 6.49
N ILE A 132 -17.77 26.74 5.62
CA ILE A 132 -16.32 26.68 5.73
C ILE A 132 -15.61 27.61 4.73
N LYS A 133 -14.86 28.60 5.24
CA LYS A 133 -14.10 29.54 4.41
C LYS A 133 -12.89 28.89 3.72
N PRO A 134 -12.84 28.99 2.39
CA PRO A 134 -11.67 28.43 1.71
C PRO A 134 -10.43 29.38 1.71
N PHE A 135 -9.25 28.86 2.08
CA PHE A 135 -7.98 29.60 1.94
C PHE A 135 -7.18 28.85 0.90
N VAL A 136 -6.84 29.52 -0.19
CA VAL A 136 -6.33 28.77 -1.34
C VAL A 136 -4.88 29.11 -1.71
N THR A 137 -4.07 28.08 -1.90
CA THR A 137 -2.68 28.26 -2.25
C THR A 137 -2.45 27.89 -3.71
N LEU A 138 -1.92 28.83 -4.50
CA LEU A 138 -1.66 28.55 -5.94
C LEU A 138 -0.60 27.48 -6.14
N PHE A 139 0.41 27.47 -5.28
CA PHE A 139 1.58 26.64 -5.61
C PHE A 139 2.22 25.91 -4.44
N HIS A 140 2.27 24.58 -4.52
CA HIS A 140 2.91 23.76 -3.51
C HIS A 140 3.76 22.69 -4.18
N TRP A 141 4.79 23.13 -4.93
CA TRP A 141 5.90 22.31 -5.49
C TRP A 141 5.57 21.56 -6.73
N ASP A 142 4.31 21.62 -7.16
CA ASP A 142 3.90 20.72 -8.23
C ASP A 142 4.01 21.35 -9.62
N VAL A 143 5.25 21.63 -10.04
CA VAL A 143 5.52 22.35 -11.28
C VAL A 143 5.13 21.46 -12.41
N PRO A 144 4.39 22.02 -13.39
CA PRO A 144 3.98 21.26 -14.54
C PRO A 144 5.19 20.71 -15.28
N GLN A 145 5.21 19.41 -15.52
CA GLN A 145 6.32 18.82 -16.21
C GLN A 145 6.63 19.54 -17.54
N ALA A 146 5.62 20.11 -18.19
CA ALA A 146 5.77 20.63 -19.54
C ALA A 146 6.72 21.84 -19.52
N LEU A 147 6.61 22.65 -18.47
CA LEU A 147 7.38 23.84 -18.29
C LEU A 147 8.80 23.45 -17.80
N GLU A 148 8.88 22.51 -16.86
CA GLU A 148 10.19 22.02 -16.44
C GLU A 148 10.99 21.55 -17.65
N ASP A 149 10.34 20.82 -18.55
CA ASP A 149 10.99 20.26 -19.74
C ASP A 149 11.26 21.30 -20.83
N GLU A 150 10.41 22.31 -20.96
CA GLU A 150 10.62 23.25 -22.05
C GLU A 150 11.76 24.22 -21.72
N TYR A 151 11.82 24.71 -20.49
CA TYR A 151 12.82 25.69 -20.14
C TYR A 151 13.38 25.61 -18.73
N GLY A 152 13.34 24.43 -18.10
CA GLY A 152 13.85 24.26 -16.72
C GLY A 152 13.01 24.84 -15.59
N GLY A 153 11.73 25.06 -15.85
CA GLY A 153 10.87 25.49 -14.78
C GLY A 153 11.39 26.71 -14.08
N PHE A 154 11.45 26.67 -12.75
CA PHE A 154 11.85 27.83 -11.98
C PHE A 154 13.33 28.19 -12.07
N LEU A 155 14.12 27.39 -12.79
CA LEU A 155 15.46 27.83 -13.16
C LEU A 155 15.40 29.04 -14.10
N SER A 156 14.40 29.11 -14.97
CA SER A 156 14.35 30.16 -16.00
C SER A 156 13.46 31.30 -15.60
N PRO A 157 13.80 32.52 -16.01
CA PRO A 157 12.84 33.53 -15.59
C PRO A 157 11.57 33.51 -16.47
N ARG A 158 11.49 32.63 -17.44
CA ARG A 158 10.21 32.50 -18.12
C ARG A 158 9.09 32.12 -17.13
N ILE A 159 9.43 31.35 -16.10
CA ILE A 159 8.44 30.91 -15.15
C ILE A 159 7.55 32.03 -14.62
N VAL A 160 8.04 33.27 -14.61
CA VAL A 160 7.28 34.37 -14.00
C VAL A 160 5.99 34.72 -14.78
N ASP A 161 6.06 34.67 -16.10
CA ASP A 161 4.91 35.00 -16.94
C ASP A 161 3.88 33.86 -16.94
N ASP A 162 4.35 32.63 -17.11
CA ASP A 162 3.46 31.51 -17.06
C ASP A 162 2.73 31.42 -15.71
N PHE A 163 3.47 31.56 -14.62
CA PHE A 163 2.86 31.60 -13.31
C PHE A 163 1.80 32.68 -13.21
N CYS A 164 2.03 33.81 -13.85
CA CYS A 164 1.02 34.88 -13.87
C CYS A 164 -0.26 34.51 -14.60
N GLU A 165 -0.12 33.90 -15.77
CA GLU A 165 -1.26 33.46 -16.55
C GLU A 165 -2.09 32.50 -15.67
N TYR A 166 -1.40 31.55 -15.04
CA TYR A 166 -1.98 30.59 -14.15
C TYR A 166 -2.72 31.28 -13.04
N ALA A 167 -2.12 32.30 -12.46
CA ALA A 167 -2.77 32.94 -11.34
C ALA A 167 -4.02 33.69 -11.79
N GLU A 168 -3.97 34.26 -12.97
CA GLU A 168 -5.07 35.09 -13.45
C GLU A 168 -6.31 34.21 -13.71
N LEU A 169 -6.10 33.05 -14.30
CA LEU A 169 -7.13 32.05 -14.49
C LEU A 169 -7.81 31.75 -13.14
N CYS A 170 -7.01 31.47 -12.10
CA CYS A 170 -7.56 31.13 -10.79
C CYS A 170 -8.39 32.27 -10.23
N PHE A 171 -7.88 33.49 -10.31
CA PHE A 171 -8.62 34.62 -9.78
C PHE A 171 -9.93 34.80 -10.55
N TRP A 172 -9.87 34.55 -11.85
CA TRP A 172 -11.01 34.75 -12.69
C TRP A 172 -12.11 33.71 -12.39
N GLU A 173 -11.73 32.43 -12.42
CA GLU A 173 -12.63 31.33 -12.14
C GLU A 173 -13.17 31.27 -10.72
N PHE A 174 -12.36 31.62 -9.70
CA PHE A 174 -12.72 31.28 -8.33
C PHE A 174 -12.84 32.47 -7.40
N GLY A 175 -12.33 33.61 -7.85
CA GLY A 175 -12.15 34.78 -6.99
C GLY A 175 -13.44 35.39 -6.51
N ASP A 176 -14.54 35.03 -7.17
CA ASP A 176 -15.85 35.48 -6.68
C ASP A 176 -16.19 34.83 -5.35
N ARG A 177 -15.71 33.62 -5.10
CA ARG A 177 -15.96 32.97 -3.80
C ARG A 177 -14.70 32.86 -2.90
N VAL A 178 -13.52 32.70 -3.50
CA VAL A 178 -12.29 32.67 -2.69
C VAL A 178 -11.79 34.07 -2.37
N LYS A 179 -11.76 34.42 -1.09
CA LYS A 179 -11.38 35.76 -0.67
C LYS A 179 -10.00 35.77 0.02
N HIS A 180 -9.33 34.64 0.05
CA HIS A 180 -8.07 34.54 0.78
C HIS A 180 -7.10 33.72 -0.01
N TRP A 181 -6.10 34.39 -0.61
CA TRP A 181 -5.20 33.68 -1.50
C TRP A 181 -3.77 33.66 -0.94
N MET A 182 -3.00 32.65 -1.34
CA MET A 182 -1.58 32.60 -1.08
C MET A 182 -0.93 32.16 -2.37
N THR A 183 0.16 32.83 -2.72
CA THR A 183 0.88 32.55 -3.96
C THR A 183 1.67 31.28 -3.80
N LEU A 184 2.49 31.21 -2.76
CA LEU A 184 3.40 30.04 -2.61
C LEU A 184 3.28 29.47 -1.21
N ASN A 185 3.51 28.19 -1.07
CA ASN A 185 3.64 27.66 0.27
C ASN A 185 5.00 27.00 0.46
N GLN A 186 5.71 27.37 1.53
CA GLN A 186 7.01 26.75 1.80
C GLN A 186 8.00 26.76 0.63
N PRO A 187 8.20 27.90 0.02
CA PRO A 187 9.16 27.95 -1.10
C PRO A 187 10.61 27.54 -0.70
N TRP A 188 10.97 27.83 0.56
CA TRP A 188 12.27 27.44 1.11
C TRP A 188 12.54 25.97 0.85
N THR A 189 11.56 25.14 1.13
CA THR A 189 11.80 23.70 1.10
C THR A 189 11.95 23.27 -0.33
N PHE A 190 11.29 24.01 -1.20
CA PHE A 190 11.28 23.62 -2.60
C PHE A 190 12.68 23.91 -3.15
N SER A 191 13.13 25.11 -2.90
CA SER A 191 14.45 25.55 -3.34
C SER A 191 15.53 24.62 -2.81
N VAL A 192 15.59 24.50 -1.49
CA VAL A 192 16.65 23.73 -0.81
C VAL A 192 16.69 22.26 -1.17
N HIS A 193 15.54 21.57 -1.07
CA HIS A 193 15.54 20.12 -1.30
C HIS A 193 15.36 19.78 -2.76
N GLY A 194 14.88 20.74 -3.54
CA GLY A 194 14.83 20.53 -5.00
C GLY A 194 16.19 20.67 -5.69
N TYR A 195 16.98 21.64 -5.20
CA TYR A 195 18.20 22.11 -5.88
C TYR A 195 19.54 22.08 -5.12
N ALA A 196 19.49 22.14 -3.79
CA ALA A 196 20.68 21.95 -2.94
C ALA A 196 20.91 20.48 -2.55
N THR A 197 19.99 19.84 -1.82
CA THR A 197 20.21 18.42 -1.45
C THR A 197 19.82 17.42 -2.53
N GLY A 198 18.93 17.82 -3.43
CA GLY A 198 18.46 16.89 -4.47
C GLY A 198 17.58 15.77 -3.95
N LEU A 199 17.03 15.93 -2.74
CA LEU A 199 16.20 14.84 -2.17
C LEU A 199 14.77 14.86 -2.73
N TYR A 200 14.28 16.05 -3.07
CA TYR A 200 12.94 16.26 -3.59
C TYR A 200 12.97 16.65 -5.09
N ALA A 201 11.79 16.65 -5.72
CA ALA A 201 11.71 16.95 -7.14
C ALA A 201 12.08 18.39 -7.35
N PRO A 202 12.85 18.69 -8.42
CA PRO A 202 13.28 17.79 -9.49
C PRO A 202 14.51 16.96 -9.20
N GLY A 203 15.03 16.99 -7.98
CA GLY A 203 16.13 16.09 -7.62
C GLY A 203 17.49 16.46 -8.19
N ARG A 204 17.89 17.71 -8.02
CA ARG A 204 19.15 18.17 -8.59
C ARG A 204 20.12 18.60 -7.53
N GLY A 205 21.41 18.50 -7.83
CA GLY A 205 22.43 19.13 -6.99
C GLY A 205 23.23 18.19 -6.11
N ARG A 206 22.85 16.92 -6.12
CA ARG A 206 23.67 15.86 -5.56
C ARG A 206 24.87 15.55 -6.44
N SER A 231 23.96 19.93 -18.25
CA SER A 231 24.37 20.07 -16.85
C SER A 231 23.70 19.02 -15.94
N THR A 232 23.60 19.31 -14.65
CA THR A 232 23.13 18.31 -13.69
C THR A 232 22.73 18.90 -12.33
N GLY A 233 23.09 20.14 -12.08
CA GLY A 233 22.72 20.76 -10.83
C GLY A 233 23.95 21.36 -10.18
N ASN A 234 23.71 22.41 -9.41
CA ASN A 234 24.76 23.06 -8.70
C ASN A 234 24.19 23.66 -7.44
N PRO A 235 24.42 22.97 -6.32
CA PRO A 235 23.89 23.40 -5.03
C PRO A 235 24.41 24.78 -4.67
N GLY A 236 25.46 25.23 -5.36
CA GLY A 236 26.02 26.53 -5.06
C GLY A 236 25.33 27.69 -5.75
N THR A 237 24.70 27.42 -6.88
CA THR A 237 24.09 28.48 -7.67
C THR A 237 22.57 28.33 -7.87
N GLU A 238 22.13 27.12 -8.22
CA GLU A 238 20.72 26.91 -8.57
C GLU A 238 19.73 27.31 -7.50
N PRO A 239 19.93 26.84 -6.25
CA PRO A 239 18.99 27.24 -5.21
C PRO A 239 18.77 28.73 -5.18
N TYR A 240 19.81 29.51 -5.47
CA TYR A 240 19.68 30.97 -5.33
C TYR A 240 18.87 31.55 -6.47
N TRP A 241 18.97 30.93 -7.64
CA TRP A 241 18.22 31.34 -8.83
C TRP A 241 16.73 30.94 -8.69
N VAL A 242 16.49 29.68 -8.36
CA VAL A 242 15.14 29.21 -8.10
C VAL A 242 14.44 30.13 -7.14
N THR A 243 15.09 30.41 -6.02
CA THR A 243 14.47 31.27 -5.02
C THR A 243 14.22 32.64 -5.60
N HIS A 244 15.16 33.13 -6.38
CA HIS A 244 15.04 34.47 -6.96
C HIS A 244 13.79 34.50 -7.86
N HIS A 245 13.62 33.45 -8.65
CA HIS A 245 12.47 33.37 -9.54
C HIS A 245 11.13 33.13 -8.79
N LEU A 246 11.18 32.39 -7.66
CA LEU A 246 10.00 32.22 -6.81
C LEU A 246 9.49 33.56 -6.34
N LEU A 247 10.41 34.39 -5.87
CA LEU A 247 10.01 35.69 -5.35
C LEU A 247 9.45 36.62 -6.42
N LEU A 248 9.94 36.50 -7.64
CA LEU A 248 9.47 37.38 -8.68
C LEU A 248 8.07 36.90 -9.13
N ALA A 249 7.92 35.58 -9.24
CA ALA A 249 6.63 34.99 -9.56
C ALA A 249 5.64 35.42 -8.50
N HIS A 250 6.05 35.45 -7.25
CA HIS A 250 5.12 35.85 -6.23
C HIS A 250 4.76 37.32 -6.38
N ALA A 251 5.76 38.18 -6.62
CA ALA A 251 5.51 39.62 -6.66
C ALA A 251 4.67 40.01 -7.89
N ALA A 252 4.93 39.38 -9.02
CA ALA A 252 4.16 39.65 -10.22
C ALA A 252 2.67 39.26 -9.98
N ALA A 253 2.43 38.06 -9.45
CA ALA A 253 1.06 37.63 -9.13
C ALA A 253 0.37 38.54 -8.13
N VAL A 254 1.13 39.09 -7.19
CA VAL A 254 0.50 40.01 -6.23
C VAL A 254 0.15 41.34 -6.91
N GLU A 255 1.05 41.82 -7.76
CA GLU A 255 0.75 43.03 -8.49
C GLU A 255 -0.48 42.78 -9.35
N LEU A 256 -0.54 41.60 -9.96
CA LEU A 256 -1.66 41.27 -10.82
C LEU A 256 -2.97 41.29 -10.03
N TYR A 257 -2.98 40.67 -8.86
CA TYR A 257 -4.19 40.65 -8.07
C TYR A 257 -4.62 42.04 -7.68
N LYS A 258 -3.64 42.83 -7.25
CA LYS A 258 -3.95 44.11 -6.63
C LYS A 258 -4.45 45.10 -7.64
N ASN A 259 -3.96 45.01 -8.88
CA ASN A 259 -4.28 45.99 -9.88
C ASN A 259 -5.49 45.59 -10.71
N LYS A 260 -5.74 44.29 -10.81
CA LYS A 260 -6.76 43.76 -11.74
C LYS A 260 -7.91 42.96 -11.14
N PHE A 261 -7.99 42.85 -9.83
CA PHE A 261 -8.93 41.94 -9.23
C PHE A 261 -9.41 42.40 -7.88
N GLN A 262 -8.55 43.09 -7.15
CA GLN A 262 -8.82 43.31 -5.73
C GLN A 262 -10.03 44.19 -5.53
N ARG A 263 -10.18 45.16 -6.42
CA ARG A 263 -11.27 46.09 -6.27
C ARG A 263 -12.63 45.43 -6.55
N GLY A 264 -12.71 44.59 -7.57
CA GLY A 264 -13.96 43.89 -7.87
C GLY A 264 -14.25 42.71 -6.94
N GLN A 265 -13.21 41.95 -6.57
CA GLN A 265 -13.39 40.74 -5.78
C GLN A 265 -13.19 40.95 -4.28
N GLU A 266 -12.43 41.97 -3.93
CA GLU A 266 -12.17 42.34 -2.53
C GLU A 266 -11.58 41.24 -1.65
N GLY A 267 -10.68 40.43 -2.21
CA GLY A 267 -10.03 39.41 -1.41
C GLY A 267 -8.71 39.95 -0.87
N GLN A 268 -7.86 39.04 -0.40
CA GLN A 268 -6.58 39.40 0.14
C GLN A 268 -5.62 38.37 -0.32
N ILE A 269 -4.35 38.75 -0.41
CA ILE A 269 -3.34 37.83 -0.93
C ILE A 269 -2.05 37.85 -0.07
N GLY A 270 -1.38 36.71 0.04
CA GLY A 270 -0.18 36.62 0.85
C GLY A 270 0.64 35.42 0.42
N ILE A 271 1.42 34.89 1.36
CA ILE A 271 2.40 33.86 1.08
C ILE A 271 2.75 33.10 2.36
N SER A 272 3.17 31.86 2.25
CA SER A 272 3.50 31.06 3.42
C SER A 272 4.93 30.52 3.49
N HIS A 273 5.62 30.80 4.60
CA HIS A 273 7.05 30.46 4.72
C HIS A 273 7.37 29.38 5.74
N ALA A 274 8.31 28.52 5.38
CA ALA A 274 8.88 27.57 6.34
C ALA A 274 9.62 28.37 7.42
N THR A 275 9.55 27.92 8.67
CA THR A 275 10.38 28.45 9.73
C THR A 275 10.79 27.34 10.67
N GLN A 276 11.92 27.56 11.34
CA GLN A 276 12.39 26.68 12.40
C GLN A 276 12.98 27.61 13.42
N TRP A 277 12.65 27.44 14.70
CA TRP A 277 13.29 28.29 15.70
C TRP A 277 14.77 27.94 15.82
N MET A 278 15.59 28.98 15.78
CA MET A 278 17.04 28.83 15.84
C MET A 278 17.52 29.41 17.18
N GLU A 279 18.07 28.55 18.03
CA GLU A 279 18.47 28.94 19.38
C GLU A 279 20.01 28.83 19.55
N PRO A 280 20.64 29.89 20.09
CA PRO A 280 22.10 29.91 20.36
C PRO A 280 22.51 28.73 21.25
N TRP A 281 23.36 27.82 20.76
CA TRP A 281 23.75 26.64 21.55
C TRP A 281 24.15 27.08 22.95
N ASP A 282 25.04 28.08 23.01
CA ASP A 282 25.53 28.66 24.24
C ASP A 282 24.96 30.07 24.36
N GLU A 283 24.07 30.30 25.32
CA GLU A 283 23.40 31.60 25.43
C GLU A 283 24.38 32.75 25.64
N ASN A 284 25.61 32.41 26.01
CA ASN A 284 26.65 33.41 26.29
C ASN A 284 27.46 33.79 25.04
N SER A 285 28.01 32.79 24.36
CA SER A 285 28.79 33.01 23.15
C SER A 285 28.10 33.98 22.17
N ALA A 286 28.52 35.23 22.16
CA ALA A 286 28.02 36.21 21.18
C ALA A 286 28.23 35.68 19.76
N SER A 287 29.22 34.81 19.61
CA SER A 287 29.46 34.12 18.36
C SER A 287 28.26 33.23 18.00
N ASP A 288 27.78 32.49 19.00
CA ASP A 288 26.66 31.58 18.84
C ASP A 288 25.37 32.35 18.57
N VAL A 289 25.23 33.50 19.23
CA VAL A 289 24.06 34.34 19.02
C VAL A 289 23.95 34.83 17.57
N GLU A 290 25.09 35.10 16.95
CA GLU A 290 25.09 35.61 15.59
C GLU A 290 24.90 34.49 14.59
N ALA A 291 25.35 33.30 14.95
CA ALA A 291 25.17 32.14 14.11
C ALA A 291 23.66 31.87 14.01
N ALA A 292 22.96 32.07 15.11
CA ALA A 292 21.53 31.86 15.16
C ALA A 292 20.81 32.91 14.32
N ALA A 293 21.20 34.17 14.45
CA ALA A 293 20.62 35.20 13.60
C ALA A 293 20.95 34.95 12.13
N ARG A 294 22.08 34.32 11.85
CA ARG A 294 22.44 34.12 10.45
C ARG A 294 21.61 32.98 9.90
N ALA A 295 21.32 31.99 10.74
CA ALA A 295 20.53 30.84 10.32
C ALA A 295 19.09 31.27 10.00
N LEU A 296 18.53 32.10 10.86
CA LEU A 296 17.24 32.70 10.57
C LEU A 296 17.30 33.47 9.25
N ASP A 297 18.38 34.22 9.05
CA ASP A 297 18.55 35.03 7.85
C ASP A 297 18.48 34.18 6.58
N PHE A 298 19.13 33.03 6.62
CA PHE A 298 19.22 32.14 5.48
C PHE A 298 18.01 31.24 5.25
N MET A 299 17.07 31.22 6.20
CA MET A 299 15.92 30.36 6.05
C MET A 299 14.73 31.24 5.71
N LEU A 300 14.40 32.10 6.67
CA LEU A 300 13.30 33.06 6.59
C LEU A 300 13.64 34.45 6.02
N GLY A 301 14.85 34.97 6.31
CA GLY A 301 15.20 36.30 5.77
C GLY A 301 15.36 36.23 4.26
N TRP A 302 15.81 35.08 3.79
CA TRP A 302 15.98 34.87 2.39
C TRP A 302 14.70 35.28 1.64
N PHE A 303 13.54 34.97 2.23
CA PHE A 303 12.26 35.27 1.58
C PHE A 303 11.66 36.52 2.15
N MET A 304 11.87 36.76 3.44
CA MET A 304 11.16 37.83 4.12
C MET A 304 11.72 39.22 3.87
N GLU A 305 13.03 39.34 3.63
CA GLU A 305 13.60 40.70 3.53
C GLU A 305 13.22 41.35 2.20
N PRO A 306 13.29 40.58 1.11
CA PRO A 306 12.90 41.07 -0.22
C PRO A 306 11.51 41.68 -0.26
N ILE A 307 10.53 41.09 0.42
CA ILE A 307 9.19 41.65 0.40
C ILE A 307 9.00 42.68 1.48
N THR A 308 10.01 42.82 2.33
CA THR A 308 9.96 43.88 3.31
C THR A 308 10.69 45.13 2.80
N SER A 309 11.92 44.94 2.34
CA SER A 309 12.75 46.09 2.02
C SER A 309 13.16 46.08 0.55
N GLY A 310 12.88 44.99 -0.13
CA GLY A 310 13.19 44.94 -1.54
C GLY A 310 14.55 44.33 -1.77
N ASP A 311 15.16 43.78 -0.75
CA ASP A 311 16.48 43.21 -0.96
C ASP A 311 16.79 42.03 -0.06
N TYR A 312 17.76 41.22 -0.47
CA TYR A 312 18.22 40.11 0.35
C TYR A 312 18.83 40.60 1.66
N PRO A 313 18.99 39.69 2.63
CA PRO A 313 19.57 40.16 3.87
C PRO A 313 21.10 40.36 3.79
N LYS A 314 21.58 41.35 4.55
CA LYS A 314 23.00 41.68 4.65
C LYS A 314 23.89 40.45 4.79
N SER A 315 23.56 39.57 5.71
CA SER A 315 24.44 38.44 5.98
C SER A 315 24.61 37.51 4.80
N MET A 316 23.59 37.43 3.94
CA MET A 316 23.65 36.52 2.79
C MET A 316 24.46 37.11 1.65
N LYS A 317 24.32 38.40 1.46
CA LYS A 317 25.17 39.11 0.52
C LYS A 317 26.64 38.93 0.88
N LYS A 318 26.96 39.10 2.16
CA LYS A 318 28.30 38.85 2.68
C LYS A 318 28.78 37.44 2.41
N PHE A 319 28.04 36.43 2.88
CA PHE A 319 28.57 35.07 2.78
C PHE A 319 28.37 34.42 1.43
N VAL A 320 27.41 34.90 0.65
CA VAL A 320 27.16 34.27 -0.65
C VAL A 320 27.87 35.06 -1.70
N GLY A 321 27.83 36.37 -1.55
CA GLY A 321 28.58 37.27 -2.39
C GLY A 321 28.06 37.28 -3.81
N SER A 322 28.93 37.05 -4.77
CA SER A 322 28.58 37.31 -6.14
C SER A 322 27.71 36.22 -6.75
N ARG A 323 27.56 35.10 -6.04
CA ARG A 323 26.67 34.03 -6.48
C ARG A 323 25.18 34.36 -6.17
N LEU A 324 24.93 35.52 -5.59
CA LEU A 324 23.59 35.89 -5.16
C LEU A 324 23.00 36.91 -6.12
N PRO A 325 21.87 36.59 -6.77
CA PRO A 325 21.39 37.49 -7.82
C PRO A 325 20.95 38.83 -7.27
N LYS A 326 20.78 39.80 -8.14
CA LYS A 326 20.44 41.14 -7.71
C LYS A 326 19.13 41.55 -8.33
N PHE A 327 18.36 42.35 -7.60
CA PHE A 327 17.11 42.86 -8.10
C PHE A 327 17.29 44.20 -8.80
N SER A 328 16.82 44.30 -10.04
CA SER A 328 16.73 45.59 -10.68
C SER A 328 15.90 46.46 -9.74
N PRO A 329 16.01 47.77 -9.87
CA PRO A 329 15.28 48.60 -8.93
C PRO A 329 13.75 48.54 -9.11
N GLU A 330 13.28 48.20 -10.30
CA GLU A 330 11.82 48.16 -10.42
C GLU A 330 11.30 46.85 -9.85
N GLN A 331 12.12 45.81 -9.93
CA GLN A 331 11.82 44.58 -9.21
C GLN A 331 11.70 44.84 -7.72
N SER A 332 12.65 45.58 -7.15
CA SER A 332 12.60 45.85 -5.73
C SER A 332 11.35 46.58 -5.39
N LYS A 333 10.90 47.40 -6.32
CA LYS A 333 9.74 48.21 -6.06
C LYS A 333 8.46 47.34 -6.07
N MET A 334 8.47 46.31 -6.90
CA MET A 334 7.38 45.34 -7.00
C MET A 334 7.33 44.45 -5.74
N LEU A 335 8.48 43.90 -5.36
CA LEU A 335 8.62 43.07 -4.17
C LEU A 335 8.28 43.76 -2.86
N LYS A 336 8.65 45.01 -2.73
CA LYS A 336 8.54 45.65 -1.43
C LYS A 336 7.08 45.76 -1.02
N GLY A 337 6.72 45.17 0.13
CA GLY A 337 5.35 45.21 0.62
C GLY A 337 4.33 44.46 -0.23
N SER A 338 4.77 43.43 -0.93
CA SER A 338 3.91 42.64 -1.79
C SER A 338 3.12 41.54 -1.03
N TYR A 339 2.26 41.96 -0.11
CA TYR A 339 1.43 41.01 0.58
C TYR A 339 0.41 41.73 1.43
N ASP A 340 -0.74 41.08 1.64
CA ASP A 340 -1.76 41.54 2.59
C ASP A 340 -1.60 40.84 3.93
N PHE A 341 -1.03 39.65 3.93
CA PHE A 341 -0.74 38.95 5.19
C PHE A 341 0.37 37.98 4.92
N VAL A 342 0.97 37.44 5.99
CA VAL A 342 1.98 36.40 5.87
C VAL A 342 1.60 35.21 6.72
N GLY A 343 1.78 34.01 6.20
CA GLY A 343 1.57 32.84 7.02
C GLY A 343 2.90 32.19 7.37
N LEU A 344 3.01 31.69 8.60
CA LEU A 344 4.21 30.96 9.01
C LEU A 344 3.94 29.49 9.30
N ASN A 345 4.76 28.62 8.75
CA ASN A 345 4.70 27.23 9.09
C ASN A 345 5.80 26.86 10.10
N TYR A 346 5.40 26.41 11.28
CA TYR A 346 6.36 26.02 12.31
C TYR A 346 6.22 24.57 12.74
N TYR A 347 7.34 23.85 12.77
CA TYR A 347 7.35 22.48 13.28
C TYR A 347 8.28 22.25 14.48
N THR A 348 9.56 22.56 14.31
CA THR A 348 10.57 22.22 15.31
C THR A 348 11.57 23.37 15.57
N ALA A 349 12.67 23.08 16.28
CA ALA A 349 13.62 24.12 16.68
C ALA A 349 15.00 23.53 16.77
N SER A 350 16.02 24.38 16.92
CA SER A 350 17.37 23.86 16.97
C SER A 350 18.35 24.79 17.67
N TYR A 351 19.42 24.19 18.19
CA TYR A 351 20.55 24.97 18.67
C TYR A 351 21.47 25.27 17.48
N VAL A 352 21.99 26.48 17.43
CA VAL A 352 22.94 26.87 16.39
C VAL A 352 24.32 27.30 16.94
N THR A 353 25.37 26.78 16.33
CA THR A 353 26.69 27.35 16.56
C THR A 353 27.46 27.59 15.26
N ASN A 354 28.51 28.41 15.32
CA ASN A 354 29.37 28.64 14.17
C ASN A 354 29.98 27.38 13.61
N ALA A 355 30.28 27.39 12.30
CA ALA A 355 31.02 26.27 11.70
C ALA A 355 32.53 26.54 11.80
N SER A 356 33.37 25.60 11.36
CA SER A 356 34.83 25.79 11.40
C SER A 356 35.21 27.29 11.43
N ASN A 364 32.73 22.23 -4.78
CA ASN A 364 33.16 23.40 -4.02
C ASN A 364 32.00 24.00 -3.18
N PHE A 365 31.34 25.03 -3.70
CA PHE A 365 30.31 25.74 -2.94
C PHE A 365 28.98 24.99 -2.84
N SER A 366 28.13 25.43 -1.93
CA SER A 366 26.76 24.92 -1.83
C SER A 366 25.96 25.70 -0.81
N TYR A 367 24.65 25.76 -1.00
CA TYR A 367 23.80 26.50 -0.09
C TYR A 367 24.01 26.01 1.35
N ASN A 368 24.17 24.70 1.51
CA ASN A 368 24.30 24.13 2.83
C ASN A 368 25.50 24.74 3.57
N THR A 369 26.65 24.76 2.91
CA THR A 369 27.85 25.32 3.53
C THR A 369 27.86 26.85 3.59
N ASP A 370 27.22 27.53 2.64
CA ASP A 370 27.20 29.00 2.70
C ASP A 370 26.71 29.55 4.02
N ILE A 371 25.92 28.79 4.76
CA ILE A 371 25.32 29.38 5.97
C ILE A 371 26.37 29.53 7.06
N HIS A 372 27.39 28.67 7.02
CA HIS A 372 28.43 28.67 8.06
C HIS A 372 27.85 28.60 9.45
N VAL A 373 27.05 27.58 9.70
CA VAL A 373 26.60 27.29 11.04
C VAL A 373 26.61 25.79 11.16
N THR A 374 26.51 25.31 12.40
CA THR A 374 26.32 23.90 12.67
C THR A 374 25.11 23.74 13.55
N TYR A 375 24.37 22.65 13.35
CA TYR A 375 23.13 22.41 14.09
C TYR A 375 23.30 21.47 15.26
N GLU A 376 22.89 21.92 16.44
CA GLU A 376 22.91 21.05 17.61
C GLU A 376 21.51 20.85 18.15
N THR A 377 21.19 19.59 18.43
CA THR A 377 19.96 19.21 19.12
C THR A 377 20.13 19.09 20.64
N ASP A 378 21.33 18.69 21.07
CA ASP A 378 21.63 18.49 22.50
C ASP A 378 22.42 19.61 23.15
N ARG A 379 21.98 20.00 24.33
CA ARG A 379 22.72 20.96 25.14
C ARG A 379 23.25 20.20 26.34
N ASN A 380 24.15 19.24 26.09
CA ASN A 380 24.71 18.44 27.17
C ASN A 380 24.07 17.06 27.31
N GLY A 381 23.78 16.42 26.19
CA GLY A 381 22.97 15.21 26.21
C GLY A 381 21.56 15.53 26.70
N VAL A 382 21.25 16.82 26.81
CA VAL A 382 19.88 17.27 27.08
C VAL A 382 19.23 17.85 25.80
N PRO A 383 18.44 17.02 25.08
CA PRO A 383 17.80 17.38 23.81
C PRO A 383 16.92 18.62 23.96
N ILE A 384 16.90 19.48 22.94
CA ILE A 384 16.09 20.69 23.04
C ILE A 384 14.62 20.34 23.32
N GLY A 385 14.21 19.13 22.92
CA GLY A 385 12.87 18.62 23.14
C GLY A 385 12.78 17.17 22.72
N PRO A 386 11.68 16.49 23.09
CA PRO A 386 11.49 15.08 22.74
C PRO A 386 11.18 14.84 21.26
N GLN A 387 11.52 13.64 20.80
CA GLN A 387 11.25 13.22 19.44
C GLN A 387 9.78 12.92 19.22
N SER A 388 9.31 13.25 18.02
CA SER A 388 8.01 12.82 17.58
C SER A 388 8.26 11.53 16.81
N GLY A 389 7.37 11.19 15.89
CA GLY A 389 7.58 10.01 15.07
C GLY A 389 8.77 10.17 14.13
N SER A 390 9.17 11.41 13.87
CA SER A 390 10.29 11.67 12.96
C SER A 390 11.53 12.13 13.72
N ASP A 391 12.68 11.53 13.45
CA ASP A 391 13.85 11.95 14.22
C ASP A 391 14.32 13.39 13.97
N TRP A 392 13.87 14.02 12.88
CA TRP A 392 14.19 15.44 12.66
C TRP A 392 13.23 16.39 13.36
N LEU A 393 12.15 15.86 13.91
CA LEU A 393 11.17 16.75 14.53
C LEU A 393 11.22 16.62 16.05
N LEU A 394 11.70 17.69 16.70
CA LEU A 394 11.86 17.70 18.14
C LEU A 394 10.85 18.69 18.66
N ILE A 395 10.11 18.29 19.68
CA ILE A 395 9.00 19.08 20.13
C ILE A 395 9.44 20.20 21.03
N TYR A 396 9.15 21.43 20.65
CA TYR A 396 9.61 22.58 21.39
C TYR A 396 8.59 23.72 21.26
N PRO A 397 7.47 23.61 22.00
CA PRO A 397 6.35 24.55 21.89
C PRO A 397 6.70 26.04 21.90
N GLU A 398 7.66 26.48 22.73
CA GLU A 398 7.97 27.92 22.86
C GLU A 398 8.56 28.49 21.58
N GLY A 399 9.09 27.59 20.75
CA GLY A 399 9.66 27.95 19.46
C GLY A 399 8.71 28.76 18.60
N ILE A 400 7.43 28.42 18.67
CA ILE A 400 6.42 29.08 17.85
C ILE A 400 6.17 30.46 18.39
N ARG A 401 6.16 30.59 19.70
CA ARG A 401 6.02 31.93 20.28
C ARG A 401 7.18 32.84 19.90
N LYS A 402 8.39 32.31 19.90
CA LYS A 402 9.57 33.13 19.58
C LYS A 402 9.67 33.54 18.08
N ILE A 403 9.50 32.56 17.20
CA ILE A 403 9.47 32.83 15.77
C ILE A 403 8.42 33.89 15.46
N LEU A 404 7.27 33.80 16.12
CA LEU A 404 6.21 34.78 15.90
C LEU A 404 6.62 36.17 16.33
N VAL A 405 7.18 36.28 17.53
CA VAL A 405 7.62 37.58 18.05
C VAL A 405 8.79 38.14 17.22
N TYR A 406 9.73 37.28 16.91
CA TYR A 406 10.85 37.66 16.07
C TYR A 406 10.40 38.21 14.71
N THR A 407 9.53 37.46 14.03
CA THR A 407 9.00 37.91 12.74
C THR A 407 8.35 39.27 12.85
N LYS A 408 7.59 39.49 13.92
CA LYS A 408 6.90 40.77 14.03
C LYS A 408 7.90 41.90 14.20
N LYS A 409 8.89 41.68 15.05
CA LYS A 409 9.84 42.73 15.37
C LYS A 409 10.83 42.98 14.21
N THR A 410 11.38 41.92 13.65
CA THR A 410 12.38 42.04 12.61
C THR A 410 11.80 42.57 11.31
N TYR A 411 10.59 42.14 10.97
CA TYR A 411 10.04 42.50 9.67
C TYR A 411 8.80 43.36 9.76
N ASN A 412 8.27 43.51 10.96
CA ASN A 412 7.16 44.43 11.17
C ASN A 412 5.88 44.08 10.38
N VAL A 413 5.54 42.80 10.34
CA VAL A 413 4.34 42.36 9.63
C VAL A 413 3.07 42.67 10.41
N PRO A 414 2.13 43.37 9.77
CA PRO A 414 0.93 43.79 10.49
C PRO A 414 -0.01 42.64 10.84
N LEU A 415 -0.01 41.61 10.00
CA LEU A 415 -1.06 40.58 10.03
C LEU A 415 -0.48 39.19 9.76
N ILE A 416 -0.63 38.30 10.72
CA ILE A 416 -0.03 36.98 10.57
C ILE A 416 -1.05 35.87 10.79
N TYR A 417 -0.88 34.77 10.05
CA TYR A 417 -1.59 33.52 10.31
C TYR A 417 -0.53 32.46 10.47
N VAL A 418 -0.77 31.51 11.35
CA VAL A 418 0.00 30.28 11.36
C VAL A 418 -0.65 29.30 10.41
N THR A 419 0.02 29.00 9.30
CA THR A 419 -0.62 28.25 8.23
C THR A 419 -0.32 26.77 8.27
N GLU A 420 0.71 26.38 9.02
CA GLU A 420 1.05 24.97 9.22
C GLU A 420 1.64 24.75 10.61
N ASN A 421 1.28 23.63 11.24
CA ASN A 421 1.78 23.24 12.55
C ASN A 421 1.20 21.90 12.92
N GLY A 422 2.04 20.91 13.17
CA GLY A 422 1.55 19.62 13.54
C GLY A 422 2.67 18.63 13.72
N VAL A 423 2.34 17.37 13.95
CA VAL A 423 3.31 16.37 14.32
C VAL A 423 2.84 15.03 13.76
N ASP A 424 3.76 14.08 13.61
CA ASP A 424 3.45 12.77 13.04
C ASP A 424 3.43 11.68 14.10
N ASP A 425 2.60 10.65 13.90
CA ASP A 425 2.48 9.55 14.86
C ASP A 425 3.72 8.67 14.76
N VAL A 426 4.10 8.06 15.87
CA VAL A 426 5.11 7.00 15.82
C VAL A 426 4.65 5.98 14.79
N LYS A 427 5.52 5.57 13.87
CA LYS A 427 5.16 4.50 12.93
C LYS A 427 4.83 3.22 13.70
N ASN A 428 3.83 2.47 13.22
CA ASN A 428 3.48 1.20 13.83
C ASN A 428 2.34 0.49 13.12
N THR A 429 2.66 -0.48 12.28
CA THR A 429 1.64 -1.16 11.52
C THR A 429 0.97 -2.27 12.34
N ASN A 430 1.17 -2.25 13.64
CA ASN A 430 0.68 -3.34 14.48
C ASN A 430 -0.58 -3.00 15.23
N LEU A 431 -0.90 -1.72 15.30
CA LEU A 431 -2.06 -1.27 16.06
C LEU A 431 -3.35 -1.49 15.27
N THR A 432 -4.44 -1.81 15.98
CA THR A 432 -5.76 -1.85 15.38
C THR A 432 -6.25 -0.42 15.49
N LEU A 433 -7.32 -0.12 14.77
CA LEU A 433 -7.81 1.24 14.72
C LEU A 433 -8.12 1.86 16.07
N SER A 434 -8.75 1.12 17.00
CA SER A 434 -9.01 1.70 18.34
C SER A 434 -7.72 2.23 18.99
N GLU A 435 -6.62 1.50 18.82
CA GLU A 435 -5.33 1.92 19.36
C GLU A 435 -4.73 3.03 18.50
N ALA A 436 -4.71 2.79 17.20
CA ALA A 436 -4.12 3.76 16.27
C ALA A 436 -4.68 5.13 16.45
N ARG A 437 -5.94 5.27 16.84
CA ARG A 437 -6.54 6.61 16.80
C ARG A 437 -6.32 7.41 18.05
N LYS A 438 -5.71 6.79 19.05
CA LYS A 438 -5.43 7.48 20.30
C LYS A 438 -4.14 8.27 20.18
N ASP A 439 -4.21 9.50 19.71
CA ASP A 439 -2.98 10.20 19.36
C ASP A 439 -2.64 11.26 20.40
N SER A 440 -2.22 10.82 21.60
CA SER A 440 -2.07 11.75 22.74
C SER A 440 -0.94 12.71 22.51
N MET A 441 0.13 12.23 21.91
CA MET A 441 1.26 13.11 21.59
C MET A 441 0.81 14.28 20.71
N ARG A 442 0.07 13.98 19.64
CA ARG A 442 -0.42 15.06 18.76
C ARG A 442 -1.34 15.96 19.53
N LEU A 443 -2.22 15.35 20.31
CA LEU A 443 -3.16 16.13 21.11
C LEU A 443 -2.45 17.09 22.04
N LYS A 444 -1.38 16.64 22.68
CA LYS A 444 -0.61 17.52 23.57
C LYS A 444 0.19 18.54 22.75
N TYR A 445 0.76 18.06 21.66
CA TYR A 445 1.48 18.93 20.76
C TYR A 445 0.62 20.11 20.33
N LEU A 446 -0.62 19.85 19.93
CA LEU A 446 -1.48 20.93 19.46
C LEU A 446 -1.83 21.91 20.57
N GLN A 447 -2.14 21.37 21.75
CA GLN A 447 -2.51 22.22 22.88
C GLN A 447 -1.37 23.15 23.22
N ASP A 448 -0.19 22.57 23.41
CA ASP A 448 1.00 23.36 23.78
C ASP A 448 1.31 24.44 22.74
N HIS A 449 1.23 24.09 21.46
CA HIS A 449 1.53 25.08 20.44
C HIS A 449 0.47 26.16 20.32
N ILE A 450 -0.80 25.77 20.45
CA ILE A 450 -1.86 26.76 20.36
C ILE A 450 -1.78 27.71 21.57
N PHE A 451 -1.40 27.15 22.72
CA PHE A 451 -1.23 27.95 23.91
C PHE A 451 -0.14 28.98 23.66
N ASN A 452 0.97 28.52 23.09
CA ASN A 452 2.05 29.44 22.75
C ASN A 452 1.68 30.48 21.71
N VAL A 453 0.78 30.14 20.79
CA VAL A 453 0.31 31.18 19.87
C VAL A 453 -0.43 32.24 20.65
N ARG A 454 -1.26 31.83 21.59
CA ARG A 454 -1.95 32.79 22.48
C ARG A 454 -0.98 33.72 23.21
N GLN A 455 0.11 33.15 23.72
CA GLN A 455 1.16 33.95 24.36
C GLN A 455 1.69 35.01 23.40
N ALA A 456 2.04 34.59 22.19
CA ALA A 456 2.60 35.51 21.22
C ALA A 456 1.66 36.71 21.00
N MET A 457 0.36 36.48 21.13
CA MET A 457 -0.61 37.55 20.93
C MET A 457 -0.63 38.49 22.12
N ASN A 458 -0.45 37.96 23.32
CA ASN A 458 -0.24 38.82 24.48
C ASN A 458 1.04 39.62 24.30
N ASP A 459 2.08 38.96 23.81
CA ASP A 459 3.33 39.64 23.49
C ASP A 459 3.17 40.75 22.46
N GLY A 460 2.00 40.84 21.83
CA GLY A 460 1.74 41.96 20.93
C GLY A 460 1.61 41.61 19.45
N VAL A 461 1.76 40.33 19.11
CA VAL A 461 1.69 39.93 17.71
C VAL A 461 0.24 39.79 17.25
N ASN A 462 -0.07 40.37 16.10
CA ASN A 462 -1.42 40.29 15.56
C ASN A 462 -1.57 39.02 14.75
N VAL A 463 -1.96 37.94 15.43
CA VAL A 463 -2.18 36.65 14.78
C VAL A 463 -3.67 36.49 14.55
N LYS A 464 -4.06 36.16 13.31
CA LYS A 464 -5.47 36.17 12.93
C LYS A 464 -6.07 34.79 12.81
N GLY A 465 -5.23 33.76 12.80
CA GLY A 465 -5.75 32.43 12.66
C GLY A 465 -4.62 31.43 12.79
N TYR A 466 -4.99 30.15 12.79
CA TYR A 466 -4.08 29.05 13.02
C TYR A 466 -4.65 27.86 12.28
N PHE A 467 -3.86 27.22 11.42
CA PHE A 467 -4.32 26.02 10.76
C PHE A 467 -3.44 24.82 11.14
N ALA A 468 -4.05 23.75 11.63
CA ALA A 468 -3.28 22.57 11.95
C ALA A 468 -2.93 21.85 10.66
N TRP A 469 -1.84 21.11 10.69
CA TRP A 469 -1.43 20.36 9.55
C TRP A 469 -1.26 18.93 10.02
N SER A 470 -1.87 17.99 9.32
CA SER A 470 -2.78 18.25 8.21
C SER A 470 -4.15 17.71 8.50
N LEU A 471 -5.08 17.80 7.58
CA LEU A 471 -6.42 17.24 7.81
C LEU A 471 -6.34 15.73 7.83
N LEU A 472 -5.68 15.17 6.83
CA LEU A 472 -5.70 13.73 6.60
C LEU A 472 -4.29 13.19 6.67
N ASP A 473 -4.12 11.93 7.01
CA ASP A 473 -2.88 11.28 6.74
C ASP A 473 -2.79 11.30 5.23
N ASN A 474 -1.59 11.47 4.70
CA ASN A 474 -1.39 11.49 3.25
C ASN A 474 0.04 11.19 2.74
N PHE A 475 0.26 11.36 1.44
CA PHE A 475 1.59 11.21 0.83
C PHE A 475 2.58 12.19 1.45
N GLU A 476 3.69 11.68 1.98
CA GLU A 476 4.62 12.58 2.68
C GLU A 476 5.94 12.63 1.92
N TRP A 477 5.82 12.84 0.62
CA TRP A 477 6.96 13.11 -0.24
C TRP A 477 8.00 11.97 -0.22
N GLY A 478 9.23 12.25 0.22
CA GLY A 478 10.28 11.19 0.25
C GLY A 478 9.96 10.06 1.19
N GLU A 479 9.21 10.39 2.24
CA GLU A 479 8.74 9.39 3.21
C GLU A 479 7.57 8.51 2.78
N GLY A 480 7.04 8.73 1.57
CA GLY A 480 5.88 7.95 1.09
C GLY A 480 4.66 7.97 2.00
N TYR A 481 4.07 6.80 2.25
CA TYR A 481 2.87 6.73 3.12
C TYR A 481 3.16 6.32 4.57
N GLY A 482 4.42 6.05 4.87
CA GLY A 482 4.84 5.60 6.20
C GLY A 482 4.72 6.58 7.34
N VAL A 483 4.42 7.83 7.05
CA VAL A 483 4.43 8.87 8.06
C VAL A 483 3.07 9.59 8.08
N ARG A 484 2.42 9.60 9.24
CA ARG A 484 1.05 10.09 9.41
C ARG A 484 0.96 11.39 10.13
N PHE A 485 0.55 12.45 9.44
CA PHE A 485 0.44 13.76 10.06
C PHE A 485 -0.99 14.19 10.32
N GLY A 486 -1.94 13.35 9.89
CA GLY A 486 -3.35 13.77 9.89
C GLY A 486 -3.99 13.80 11.27
N ILE A 487 -4.92 14.73 11.48
CA ILE A 487 -5.88 14.58 12.57
C ILE A 487 -6.99 13.57 12.21
N ILE A 488 -7.06 13.14 10.96
CA ILE A 488 -8.00 12.14 10.51
C ILE A 488 -7.24 10.92 10.03
N HIS A 489 -7.55 9.74 10.57
CA HIS A 489 -6.79 8.57 10.26
C HIS A 489 -7.18 8.05 8.88
N ILE A 490 -6.30 7.35 8.21
CA ILE A 490 -6.64 6.81 6.91
C ILE A 490 -6.30 5.36 6.89
N ASP A 491 -7.18 4.55 6.32
CA ASP A 491 -6.92 3.14 6.26
C ASP A 491 -6.57 2.74 4.85
N TYR A 492 -5.27 2.66 4.60
CA TYR A 492 -4.74 2.34 3.31
C TYR A 492 -5.11 0.95 2.89
N ASN A 493 -5.60 0.13 3.81
CA ASN A 493 -5.93 -1.24 3.42
C ASN A 493 -7.35 -1.37 2.88
N ASP A 494 -8.16 -0.33 3.07
CA ASP A 494 -9.60 -0.33 2.81
C ASP A 494 -10.08 0.98 2.16
N ASN A 495 -9.77 1.16 0.89
CA ASN A 495 -10.12 2.37 0.14
C ASN A 495 -9.94 3.68 0.88
N PHE A 496 -8.92 3.81 1.70
CA PHE A 496 -8.66 5.09 2.32
C PHE A 496 -9.77 5.58 3.21
N ALA A 497 -10.46 4.65 3.87
CA ALA A 497 -11.50 5.01 4.85
C ALA A 497 -10.94 5.99 5.81
N ARG A 498 -11.69 7.06 6.07
CA ARG A 498 -11.35 8.11 6.99
C ARG A 498 -11.96 7.85 8.38
N TYR A 499 -11.24 8.21 9.45
CA TYR A 499 -11.77 8.08 10.80
C TYR A 499 -11.08 9.07 11.71
N PRO A 500 -11.84 9.85 12.46
CA PRO A 500 -11.19 10.89 13.26
C PRO A 500 -10.38 10.31 14.43
N LYS A 501 -9.31 11.01 14.79
CA LYS A 501 -8.40 10.61 15.86
C LYS A 501 -8.84 11.47 17.02
N ASP A 502 -8.38 11.18 18.22
CA ASP A 502 -8.81 11.98 19.36
C ASP A 502 -8.52 13.43 19.16
N SER A 503 -7.46 13.77 18.42
CA SER A 503 -7.15 15.22 18.28
C SER A 503 -8.24 15.95 17.52
N ALA A 504 -8.78 15.30 16.50
CA ALA A 504 -9.89 15.88 15.73
C ALA A 504 -11.07 16.08 16.65
N VAL A 505 -11.42 15.04 17.41
CA VAL A 505 -12.53 15.14 18.37
C VAL A 505 -12.33 16.30 19.31
N TRP A 506 -11.12 16.42 19.86
CA TRP A 506 -10.77 17.53 20.78
C TRP A 506 -10.88 18.95 20.16
N LEU A 507 -10.37 19.08 18.94
CA LEU A 507 -10.45 20.36 18.21
C LEU A 507 -11.90 20.78 18.01
N MET A 508 -12.74 19.82 17.63
CA MET A 508 -14.16 20.12 17.45
C MET A 508 -14.75 20.63 18.76
N ASN A 509 -14.57 19.85 19.83
CA ASN A 509 -15.09 20.20 21.16
C ASN A 509 -14.62 21.55 21.69
N SER A 510 -13.32 21.85 21.54
CA SER A 510 -12.76 23.06 22.15
C SER A 510 -12.83 24.28 21.25
N PHE A 511 -12.92 24.08 19.94
CA PHE A 511 -12.85 25.22 19.03
C PHE A 511 -14.03 25.38 18.07
N HIS A 512 -15.09 24.59 18.27
CA HIS A 512 -16.22 24.59 17.34
C HIS A 512 -16.79 25.96 17.00
N LYS A 513 -16.79 26.29 15.72
CA LYS A 513 -17.55 27.44 15.23
C LYS A 513 -17.13 27.82 13.81
N ASP B 13 15.59 -30.10 -25.01
CA ASP B 13 15.87 -28.72 -24.49
C ASP B 13 14.62 -27.92 -24.01
N ALA B 14 14.62 -27.56 -22.73
CA ALA B 14 13.48 -26.91 -22.08
C ALA B 14 12.97 -25.63 -22.76
N THR B 15 13.87 -24.78 -23.23
CA THR B 15 13.43 -23.49 -23.79
C THR B 15 12.61 -23.64 -25.07
N ARG B 16 12.61 -24.82 -25.66
CA ARG B 16 11.83 -25.01 -26.87
C ARG B 16 10.44 -25.62 -26.60
N ILE B 17 10.14 -25.91 -25.34
CA ILE B 17 8.89 -26.63 -25.04
C ILE B 17 7.68 -25.81 -25.47
N SER B 18 6.70 -26.46 -26.08
CA SER B 18 5.49 -25.76 -26.50
C SER B 18 4.29 -26.70 -26.61
N ARG B 19 3.14 -26.13 -26.99
CA ARG B 19 1.91 -26.90 -27.02
C ARG B 19 2.00 -28.16 -27.86
N SER B 20 2.78 -28.11 -28.93
CA SER B 20 2.81 -29.24 -29.84
C SER B 20 3.66 -30.38 -29.30
N ASP B 21 4.25 -30.19 -28.13
CA ASP B 21 4.91 -31.31 -27.48
C ASP B 21 3.93 -32.13 -26.64
N PHE B 22 2.67 -31.71 -26.62
CA PHE B 22 1.67 -32.38 -25.76
C PHE B 22 0.51 -32.95 -26.58
N PRO B 23 -0.24 -33.91 -26.02
CA PRO B 23 -1.42 -34.37 -26.74
C PRO B 23 -2.45 -33.25 -26.87
N ALA B 24 -3.35 -33.38 -27.85
CA ALA B 24 -4.27 -32.29 -28.17
C ALA B 24 -5.25 -31.95 -27.05
N ASP B 25 -5.62 -32.94 -26.24
CA ASP B 25 -6.58 -32.71 -25.17
C ASP B 25 -5.92 -32.10 -23.92
N PHE B 26 -4.62 -31.89 -23.96
CA PHE B 26 -3.92 -31.39 -22.78
C PHE B 26 -4.40 -30.00 -22.47
N ILE B 27 -4.57 -29.67 -21.19
CA ILE B 27 -5.14 -28.40 -20.77
C ILE B 27 -4.11 -27.52 -20.09
N MET B 28 -4.08 -26.24 -20.45
CA MET B 28 -3.20 -25.25 -19.85
C MET B 28 -4.01 -24.11 -19.24
N GLY B 29 -3.69 -23.69 -18.02
CA GLY B 29 -4.35 -22.53 -17.45
C GLY B 29 -3.56 -21.86 -16.35
N THR B 30 -4.24 -20.99 -15.59
CA THR B 30 -3.68 -20.24 -14.48
C THR B 30 -4.70 -20.31 -13.33
N GLY B 31 -4.43 -19.60 -12.24
CA GLY B 31 -5.23 -19.77 -11.05
C GLY B 31 -5.11 -18.68 -10.03
N SER B 32 -6.07 -18.63 -9.13
CA SER B 32 -6.12 -17.66 -8.06
C SER B 32 -6.88 -18.30 -6.91
N SER B 33 -7.00 -17.60 -5.79
CA SER B 33 -7.95 -18.02 -4.79
C SER B 33 -8.67 -16.78 -4.34
N ALA B 34 -9.90 -16.94 -3.84
CA ALA B 34 -10.78 -15.81 -3.63
C ALA B 34 -10.24 -14.78 -2.68
N TYR B 35 -9.71 -15.20 -1.55
CA TYR B 35 -9.34 -14.16 -0.57
C TYR B 35 -8.08 -13.40 -1.03
N GLN B 36 -7.29 -14.04 -1.88
CA GLN B 36 -6.06 -13.41 -2.29
C GLN B 36 -6.26 -12.30 -3.33
N ILE B 37 -7.30 -12.40 -4.16
CA ILE B 37 -7.54 -11.44 -5.25
C ILE B 37 -8.82 -10.59 -5.14
N GLU B 38 -9.93 -11.16 -4.65
CA GLU B 38 -11.24 -10.49 -4.72
C GLU B 38 -11.36 -9.09 -4.14
N GLY B 39 -10.90 -8.88 -2.91
CA GLY B 39 -11.34 -7.71 -2.16
C GLY B 39 -12.87 -7.73 -2.01
N GLY B 40 -13.49 -6.56 -1.91
CA GLY B 40 -14.92 -6.45 -1.64
C GLY B 40 -15.29 -7.28 -0.43
N ALA B 41 -14.47 -7.19 0.62
CA ALA B 41 -14.58 -8.12 1.75
C ALA B 41 -15.89 -7.94 2.48
N ARG B 42 -16.33 -6.69 2.59
CA ARG B 42 -17.64 -6.32 3.13
C ARG B 42 -18.54 -5.70 2.04
N ASP B 43 -18.39 -6.10 0.78
CA ASP B 43 -19.26 -5.57 -0.27
C ASP B 43 -20.20 -6.65 -0.76
N GLY B 44 -21.35 -6.24 -1.28
CA GLY B 44 -22.28 -7.18 -1.90
C GLY B 44 -22.78 -8.25 -0.94
N GLY B 45 -22.89 -7.92 0.34
CA GLY B 45 -23.35 -8.87 1.35
C GLY B 45 -22.41 -9.99 1.82
N ARG B 46 -21.13 -9.98 1.43
CA ARG B 46 -20.22 -11.04 1.90
C ARG B 46 -20.11 -10.99 3.42
N GLY B 47 -20.09 -12.15 4.05
CA GLY B 47 -19.71 -12.17 5.48
C GLY B 47 -18.21 -12.48 5.72
N PRO B 48 -17.73 -12.21 6.94
CA PRO B 48 -16.30 -12.32 7.35
C PRO B 48 -15.85 -13.75 7.34
N SER B 49 -14.60 -13.99 6.94
CA SER B 49 -14.01 -15.33 7.00
C SER B 49 -12.99 -15.28 8.16
N ILE B 50 -12.35 -16.41 8.48
CA ILE B 50 -11.35 -16.38 9.57
C ILE B 50 -10.10 -15.56 9.17
N TRP B 51 -9.83 -15.51 7.87
CA TRP B 51 -8.77 -14.61 7.38
C TRP B 51 -9.04 -13.14 7.53
N ASP B 52 -10.30 -12.74 7.36
CA ASP B 52 -10.70 -11.37 7.71
C ASP B 52 -10.40 -11.07 9.18
N THR B 53 -10.77 -11.99 10.07
CA THR B 53 -10.63 -11.66 11.51
C THR B 53 -9.16 -11.68 11.94
N PHE B 54 -8.44 -12.69 11.48
CA PHE B 54 -7.00 -12.83 11.77
C PHE B 54 -6.23 -11.56 11.37
N THR B 55 -6.33 -11.18 10.08
CA THR B 55 -5.58 -10.00 9.60
C THR B 55 -6.02 -8.74 10.30
N HIS B 56 -7.28 -8.68 10.74
CA HIS B 56 -7.76 -7.42 11.38
C HIS B 56 -7.50 -7.38 12.88
N ARG B 57 -7.50 -8.54 13.51
CA ARG B 57 -7.25 -8.53 14.97
C ARG B 57 -5.78 -8.78 15.31
N ARG B 58 -5.05 -9.39 14.37
CA ARG B 58 -3.64 -9.69 14.63
C ARG B 58 -2.77 -9.24 13.45
N PRO B 59 -2.79 -7.93 13.18
CA PRO B 59 -2.05 -7.29 12.12
C PRO B 59 -0.54 -7.50 12.28
N ASP B 60 -0.08 -7.62 13.52
CA ASP B 60 1.31 -7.98 13.77
C ASP B 60 1.66 -9.31 13.16
N MET B 61 0.70 -10.07 12.65
CA MET B 61 1.06 -11.38 12.08
C MET B 61 1.19 -11.27 10.59
N ILE B 62 1.04 -10.08 10.06
CA ILE B 62 1.10 -9.93 8.60
C ILE B 62 2.17 -8.93 8.25
N ARG B 63 3.04 -9.28 7.32
CA ARG B 63 4.05 -8.32 6.88
C ARG B 63 3.36 -7.05 6.50
N GLY B 64 3.65 -5.95 7.18
CA GLY B 64 3.08 -4.68 6.76
C GLY B 64 1.78 -4.40 7.47
N GLY B 65 1.25 -5.40 8.15
CA GLY B 65 0.00 -5.24 8.90
C GLY B 65 -1.18 -5.04 7.93
N THR B 66 -1.13 -5.70 6.79
CA THR B 66 -2.14 -5.50 5.77
C THR B 66 -3.15 -6.66 5.74
N ASN B 67 -4.19 -6.51 4.94
CA ASN B 67 -5.26 -7.51 4.92
C ASN B 67 -5.85 -7.57 3.52
N GLY B 68 -6.84 -8.43 3.33
CA GLY B 68 -7.47 -8.64 2.04
C GLY B 68 -8.77 -7.85 1.80
N ASP B 69 -9.01 -6.77 2.52
CA ASP B 69 -10.23 -5.99 2.31
C ASP B 69 -10.46 -5.63 0.83
N VAL B 70 -9.44 -5.07 0.18
CA VAL B 70 -9.47 -4.70 -1.23
C VAL B 70 -8.62 -5.67 -2.04
N ALA B 71 -7.51 -6.11 -1.45
CA ALA B 71 -6.66 -7.05 -2.19
C ALA B 71 -6.31 -6.44 -3.59
N VAL B 72 -6.47 -7.18 -4.68
CA VAL B 72 -6.36 -6.54 -6.00
C VAL B 72 -7.69 -6.32 -6.70
N ASP B 73 -8.79 -6.35 -5.93
CA ASP B 73 -10.11 -5.90 -6.35
C ASP B 73 -10.67 -6.60 -7.54
N SER B 74 -10.38 -7.87 -7.69
CA SER B 74 -11.02 -8.58 -8.77
C SER B 74 -12.53 -8.63 -8.58
N TYR B 75 -13.01 -8.26 -7.40
CA TYR B 75 -14.44 -8.27 -7.20
C TYR B 75 -15.07 -7.25 -8.13
N HIS B 76 -14.49 -6.06 -8.22
CA HIS B 76 -14.97 -5.02 -9.14
C HIS B 76 -14.31 -5.07 -10.51
N LEU B 77 -13.12 -5.67 -10.64
CA LEU B 77 -12.37 -5.60 -11.88
C LEU B 77 -12.39 -6.87 -12.67
N TYR B 78 -13.26 -7.79 -12.28
CA TYR B 78 -13.26 -9.10 -12.91
C TYR B 78 -13.43 -9.02 -14.43
N LYS B 79 -13.99 -7.94 -14.94
CA LYS B 79 -14.10 -7.86 -16.41
C LYS B 79 -12.73 -7.71 -17.08
N GLU B 80 -11.87 -6.96 -16.43
CA GLU B 80 -10.51 -6.79 -16.92
C GLU B 80 -9.72 -8.09 -16.84
N ASP B 81 -9.81 -8.77 -15.70
CA ASP B 81 -9.21 -10.11 -15.56
C ASP B 81 -9.69 -11.07 -16.65
N VAL B 82 -10.97 -11.01 -17.01
CA VAL B 82 -11.44 -11.91 -18.07
C VAL B 82 -10.84 -11.52 -19.42
N ASN B 83 -10.70 -10.22 -19.62
CA ASN B 83 -10.09 -9.73 -20.84
C ASN B 83 -8.61 -10.14 -20.88
N ILE B 84 -7.93 -9.99 -19.75
CA ILE B 84 -6.55 -10.54 -19.66
C ILE B 84 -6.48 -12.01 -20.01
N LEU B 85 -7.37 -12.83 -19.45
CA LEU B 85 -7.39 -14.26 -19.74
C LEU B 85 -7.70 -14.56 -21.21
N LYS B 86 -8.51 -13.73 -21.83
CA LYS B 86 -8.78 -13.98 -23.24
C LYS B 86 -7.50 -13.71 -24.06
N ASN B 87 -6.81 -12.61 -23.77
CA ASN B 87 -5.56 -12.27 -24.47
C ASN B 87 -4.49 -13.35 -24.24
N LEU B 88 -4.41 -13.83 -23.01
CA LEU B 88 -3.44 -14.83 -22.62
C LEU B 88 -3.63 -16.07 -23.48
N GLY B 89 -4.88 -16.35 -23.82
CA GLY B 89 -5.17 -17.46 -24.75
C GLY B 89 -5.05 -18.90 -24.27
N LEU B 90 -4.97 -19.15 -22.95
CA LEU B 90 -4.94 -20.54 -22.47
C LEU B 90 -6.34 -21.17 -22.33
N ASP B 91 -6.42 -22.47 -22.06
CA ASP B 91 -7.69 -23.20 -22.08
C ASP B 91 -8.57 -23.01 -20.84
N ALA B 92 -7.99 -22.69 -19.70
CA ALA B 92 -8.74 -22.80 -18.47
C ALA B 92 -8.23 -21.92 -17.36
N TYR B 93 -9.10 -21.69 -16.40
CA TYR B 93 -8.82 -20.81 -15.31
C TYR B 93 -9.39 -21.44 -14.03
N ARG B 94 -8.62 -21.36 -12.96
CA ARG B 94 -8.94 -22.10 -11.76
C ARG B 94 -9.11 -21.05 -10.70
N PHE B 95 -10.26 -21.02 -10.04
CA PHE B 95 -10.48 -20.02 -9.00
C PHE B 95 -11.29 -20.66 -7.89
N SER B 96 -11.47 -19.99 -6.77
CA SER B 96 -12.22 -20.61 -5.71
C SER B 96 -13.38 -19.69 -5.36
N ILE B 97 -14.38 -20.25 -4.70
CA ILE B 97 -15.56 -19.48 -4.30
C ILE B 97 -15.37 -19.14 -2.86
N SER B 98 -15.66 -17.91 -2.47
CA SER B 98 -15.67 -17.56 -1.08
C SER B 98 -16.99 -18.00 -0.40
N TRP B 99 -16.90 -19.11 0.35
CA TRP B 99 -17.98 -19.64 1.19
C TRP B 99 -18.82 -18.55 1.82
N SER B 100 -18.21 -17.61 2.50
CA SER B 100 -18.99 -16.65 3.26
C SER B 100 -19.48 -15.50 2.38
N ARG B 101 -19.14 -15.57 1.09
CA ARG B 101 -19.74 -14.65 0.13
C ARG B 101 -21.10 -15.16 -0.31
N VAL B 102 -21.19 -16.44 -0.69
CA VAL B 102 -22.49 -17.03 -1.01
C VAL B 102 -23.37 -17.32 0.24
N LEU B 103 -22.75 -17.62 1.39
CA LEU B 103 -23.47 -17.87 2.65
C LEU B 103 -22.82 -17.13 3.78
N PRO B 104 -23.27 -15.93 4.09
CA PRO B 104 -22.50 -15.06 4.97
C PRO B 104 -22.42 -15.55 6.40
N GLY B 105 -23.32 -16.47 6.76
CA GLY B 105 -23.36 -16.99 8.11
C GLY B 105 -22.91 -18.44 8.04
N GLY B 106 -22.34 -18.82 6.91
CA GLY B 106 -21.79 -20.15 6.73
C GLY B 106 -22.82 -21.24 6.61
N ARG B 107 -23.77 -21.27 7.52
CA ARG B 107 -24.87 -22.26 7.38
C ARG B 107 -26.10 -21.62 6.73
N LEU B 108 -26.90 -22.45 6.07
CA LEU B 108 -28.15 -22.03 5.40
C LEU B 108 -29.05 -21.03 6.18
N SER B 109 -29.25 -21.24 7.48
CA SER B 109 -30.08 -20.32 8.24
C SER B 109 -29.45 -18.97 8.38
N GLY B 110 -28.24 -18.83 7.87
CA GLY B 110 -27.55 -17.54 8.00
C GLY B 110 -27.98 -16.58 6.90
N GLY B 111 -28.63 -17.12 5.87
CA GLY B 111 -29.07 -16.32 4.72
C GLY B 111 -28.34 -16.77 3.46
N VAL B 112 -29.05 -16.83 2.34
CA VAL B 112 -28.41 -17.07 1.06
C VAL B 112 -28.21 -15.74 0.36
N ASN B 113 -26.99 -15.44 -0.06
CA ASN B 113 -26.63 -14.12 -0.59
C ASN B 113 -26.70 -14.11 -2.11
N LYS B 114 -27.81 -13.62 -2.64
CA LYS B 114 -28.03 -13.54 -4.11
C LYS B 114 -26.97 -12.75 -4.85
N GLU B 115 -26.56 -11.62 -4.31
CA GLU B 115 -25.49 -10.86 -4.95
C GLU B 115 -24.19 -11.62 -5.07
N GLY B 116 -23.84 -12.40 -4.04
CA GLY B 116 -22.66 -13.25 -4.10
C GLY B 116 -22.80 -14.26 -5.20
N ILE B 117 -23.98 -14.89 -5.29
CA ILE B 117 -24.20 -15.85 -6.34
C ILE B 117 -24.12 -15.21 -7.72
N ASN B 118 -24.62 -13.98 -7.80
CA ASN B 118 -24.64 -13.27 -9.05
C ASN B 118 -23.21 -12.92 -9.54
N TYR B 119 -22.36 -12.44 -8.65
CA TYR B 119 -20.95 -12.31 -8.94
C TYR B 119 -20.34 -13.54 -9.60
N TYR B 120 -20.49 -14.72 -8.99
CA TYR B 120 -19.87 -15.89 -9.62
C TYR B 120 -20.51 -16.28 -10.95
N ASN B 121 -21.81 -16.06 -11.10
CA ASN B 121 -22.43 -16.39 -12.37
C ASN B 121 -21.86 -15.46 -13.44
N ASN B 122 -21.70 -14.18 -13.10
CA ASN B 122 -21.12 -13.20 -14.02
C ASN B 122 -19.70 -13.60 -14.41
N LEU B 123 -18.88 -13.95 -13.41
CA LEU B 123 -17.54 -14.47 -13.69
C LEU B 123 -17.60 -15.67 -14.60
N ILE B 124 -18.39 -16.67 -14.22
CA ILE B 124 -18.42 -17.91 -15.03
C ILE B 124 -18.94 -17.70 -16.45
N ASP B 125 -19.98 -16.89 -16.63
CA ASP B 125 -20.46 -16.62 -17.99
C ASP B 125 -19.40 -15.86 -18.83
N GLY B 126 -18.74 -14.87 -18.23
CA GLY B 126 -17.65 -14.17 -18.93
C GLY B 126 -16.60 -15.16 -19.42
N LEU B 127 -16.14 -16.05 -18.55
CA LEU B 127 -15.14 -17.03 -18.96
C LEU B 127 -15.63 -17.83 -20.12
N LEU B 128 -16.84 -18.36 -20.02
CA LEU B 128 -17.36 -19.20 -21.10
C LEU B 128 -17.62 -18.42 -22.38
N ALA B 129 -18.05 -17.17 -22.26
CA ALA B 129 -18.28 -16.36 -23.46
C ALA B 129 -16.96 -16.26 -24.23
N ASN B 130 -15.85 -16.45 -23.53
CA ASN B 130 -14.55 -16.29 -24.17
C ASN B 130 -13.84 -17.60 -24.39
N GLY B 131 -14.57 -18.69 -24.36
CA GLY B 131 -13.96 -20.00 -24.59
C GLY B 131 -12.98 -20.47 -23.50
N ILE B 132 -13.08 -19.92 -22.29
CA ILE B 132 -12.20 -20.35 -21.20
C ILE B 132 -12.96 -21.25 -20.21
N LYS B 133 -12.50 -22.48 -20.04
CA LYS B 133 -13.15 -23.44 -19.14
C LYS B 133 -12.86 -23.15 -17.67
N PRO B 134 -13.90 -23.06 -16.83
CA PRO B 134 -13.61 -22.81 -15.41
C PRO B 134 -13.39 -24.09 -14.62
N PHE B 135 -12.38 -24.08 -13.76
CA PHE B 135 -12.12 -25.16 -12.82
C PHE B 135 -12.30 -24.51 -11.48
N VAL B 136 -13.22 -25.02 -10.67
CA VAL B 136 -13.65 -24.26 -9.50
C VAL B 136 -13.36 -25.03 -8.22
N THR B 137 -12.93 -24.32 -7.20
CA THR B 137 -12.50 -24.91 -5.98
C THR B 137 -13.41 -24.40 -4.91
N LEU B 138 -14.05 -25.31 -4.18
CA LEU B 138 -15.03 -24.88 -3.19
C LEU B 138 -14.36 -24.16 -2.04
N PHE B 139 -13.19 -24.64 -1.65
CA PHE B 139 -12.61 -24.18 -0.37
C PHE B 139 -11.10 -23.95 -0.36
N HIS B 140 -10.70 -22.77 0.08
CA HIS B 140 -9.29 -22.41 0.15
C HIS B 140 -9.05 -21.58 1.40
N TRP B 141 -9.30 -22.18 2.57
CA TRP B 141 -8.93 -21.69 3.90
C TRP B 141 -9.81 -20.61 4.42
N ASP B 142 -10.75 -20.15 3.61
CA ASP B 142 -11.59 -19.05 4.06
C ASP B 142 -12.88 -19.51 4.77
N VAL B 143 -12.72 -20.03 6.00
CA VAL B 143 -13.83 -20.54 6.77
C VAL B 143 -14.70 -19.41 7.27
N PRO B 144 -16.01 -19.48 7.03
CA PRO B 144 -16.84 -18.40 7.56
C PRO B 144 -16.62 -18.18 9.05
N GLN B 145 -16.39 -16.95 9.46
CA GLN B 145 -16.16 -16.72 10.86
C GLN B 145 -17.33 -17.21 11.76
N ALA B 146 -18.52 -17.35 11.20
CA ALA B 146 -19.70 -17.58 12.04
C ALA B 146 -19.65 -19.01 12.50
N LEU B 147 -19.18 -19.90 11.62
CA LEU B 147 -19.02 -21.30 11.94
C LEU B 147 -17.82 -21.51 12.87
N GLU B 148 -16.76 -20.73 12.66
CA GLU B 148 -15.63 -20.77 13.56
C GLU B 148 -16.04 -20.37 14.99
N ASP B 149 -16.80 -19.29 15.11
CA ASP B 149 -17.21 -18.76 16.41
C ASP B 149 -18.31 -19.63 17.08
N GLU B 150 -19.08 -20.37 16.30
CA GLU B 150 -20.19 -21.09 16.89
C GLU B 150 -19.74 -22.45 17.38
N TYR B 151 -18.97 -23.16 16.58
CA TYR B 151 -18.48 -24.45 17.01
C TYR B 151 -17.01 -24.81 16.72
N GLY B 152 -16.15 -23.82 16.48
CA GLY B 152 -14.72 -24.09 16.21
C GLY B 152 -14.43 -24.58 14.80
N GLY B 153 -15.24 -24.16 13.85
CA GLY B 153 -14.99 -24.52 12.47
C GLY B 153 -14.59 -25.97 12.28
N PHE B 154 -13.42 -26.20 11.67
CA PHE B 154 -13.01 -27.57 11.34
C PHE B 154 -12.50 -28.41 12.53
N LEU B 155 -12.41 -27.82 13.70
CA LEU B 155 -12.21 -28.63 14.89
C LEU B 155 -13.41 -29.57 15.07
N SER B 156 -14.62 -29.00 15.11
CA SER B 156 -15.84 -29.78 15.29
C SER B 156 -16.20 -30.59 14.06
N PRO B 157 -16.87 -31.73 14.25
CA PRO B 157 -17.35 -32.45 13.07
C PRO B 157 -18.69 -31.90 12.55
N ARG B 158 -19.27 -30.89 13.20
CA ARG B 158 -20.45 -30.26 12.61
C ARG B 158 -20.11 -29.67 11.24
N ILE B 159 -18.88 -29.17 11.10
CA ILE B 159 -18.40 -28.65 9.83
C ILE B 159 -18.74 -29.53 8.64
N VAL B 160 -18.79 -30.86 8.80
CA VAL B 160 -19.06 -31.70 7.62
C VAL B 160 -20.45 -31.48 6.97
N ASP B 161 -21.47 -31.28 7.80
CA ASP B 161 -22.82 -31.04 7.30
C ASP B 161 -22.93 -29.66 6.63
N ASP B 162 -22.51 -28.63 7.36
CA ASP B 162 -22.46 -27.29 6.83
C ASP B 162 -21.72 -27.23 5.48
N PHE B 163 -20.54 -27.84 5.42
CA PHE B 163 -19.80 -27.92 4.17
C PHE B 163 -20.62 -28.56 3.07
N CYS B 164 -21.37 -29.59 3.44
CA CYS B 164 -22.25 -30.26 2.47
C CYS B 164 -23.38 -29.39 1.90
N GLU B 165 -24.04 -28.61 2.77
CA GLU B 165 -25.04 -27.67 2.31
C GLU B 165 -24.39 -26.65 1.34
N TYR B 166 -23.24 -26.11 1.74
CA TYR B 166 -22.46 -25.19 0.92
C TYR B 166 -22.18 -25.80 -0.43
N ALA B 167 -21.71 -27.03 -0.45
CA ALA B 167 -21.35 -27.66 -1.71
C ALA B 167 -22.56 -27.81 -2.60
N GLU B 168 -23.68 -28.25 -2.01
CA GLU B 168 -24.90 -28.48 -2.78
C GLU B 168 -25.39 -27.17 -3.43
N LEU B 169 -25.40 -26.10 -2.65
CA LEU B 169 -25.70 -24.77 -3.17
C LEU B 169 -24.89 -24.49 -4.44
N CYS B 170 -23.56 -24.68 -4.40
CA CYS B 170 -22.71 -24.37 -5.55
C CYS B 170 -23.03 -25.23 -6.73
N PHE B 171 -23.29 -26.52 -6.50
CA PHE B 171 -23.56 -27.41 -7.62
C PHE B 171 -24.87 -27.07 -8.33
N TRP B 172 -25.84 -26.65 -7.55
CA TRP B 172 -27.18 -26.36 -8.05
C TRP B 172 -27.11 -25.07 -8.86
N GLU B 173 -26.53 -24.03 -8.26
CA GLU B 173 -26.32 -22.74 -8.92
C GLU B 173 -25.41 -22.75 -10.17
N PHE B 174 -24.31 -23.52 -10.17
CA PHE B 174 -23.28 -23.32 -11.21
C PHE B 174 -22.99 -24.57 -12.01
N GLY B 175 -23.47 -25.71 -11.51
CA GLY B 175 -23.08 -27.01 -12.08
C GLY B 175 -23.55 -27.22 -13.50
N ASP B 176 -24.42 -26.35 -13.97
CA ASP B 176 -24.81 -26.48 -15.36
C ASP B 176 -23.69 -25.96 -16.25
N ARG B 177 -22.88 -25.04 -15.75
CA ARG B 177 -21.78 -24.53 -16.58
C ARG B 177 -20.40 -25.05 -16.13
N VAL B 178 -20.18 -25.20 -14.82
CA VAL B 178 -18.93 -25.70 -14.30
C VAL B 178 -18.94 -27.24 -14.28
N LYS B 179 -18.00 -27.84 -15.01
CA LYS B 179 -17.90 -29.30 -15.14
C LYS B 179 -16.61 -29.88 -14.50
N HIS B 180 -15.94 -29.11 -13.68
CA HIS B 180 -14.69 -29.57 -13.10
C HIS B 180 -14.62 -28.93 -11.75
N TRP B 181 -14.73 -29.74 -10.71
CA TRP B 181 -14.83 -29.19 -9.36
C TRP B 181 -13.70 -29.75 -8.52
N MET B 182 -13.31 -29.03 -7.49
CA MET B 182 -12.42 -29.57 -6.50
C MET B 182 -12.94 -29.10 -5.18
N THR B 183 -12.98 -30.01 -4.21
CA THR B 183 -13.48 -29.73 -2.89
C THR B 183 -12.54 -28.84 -2.13
N LEU B 184 -11.27 -29.24 -2.07
CA LEU B 184 -10.31 -28.51 -1.24
C LEU B 184 -9.03 -28.26 -2.03
N ASN B 185 -8.32 -27.20 -1.66
CA ASN B 185 -7.01 -26.98 -2.22
C ASN B 185 -6.04 -26.81 -1.05
N GLN B 186 -4.96 -27.58 -1.03
CA GLN B 186 -3.91 -27.29 -0.03
C GLN B 186 -4.36 -27.43 1.42
N PRO B 187 -5.12 -28.50 1.72
CA PRO B 187 -5.60 -28.69 3.10
C PRO B 187 -4.44 -28.85 4.10
N TRP B 188 -3.38 -29.57 3.68
CA TRP B 188 -2.16 -29.72 4.49
C TRP B 188 -1.77 -28.40 5.09
N THR B 189 -1.67 -27.39 4.23
CA THR B 189 -1.22 -26.08 4.68
C THR B 189 -2.17 -25.47 5.68
N PHE B 190 -3.47 -25.67 5.45
CA PHE B 190 -4.49 -25.17 6.37
C PHE B 190 -4.28 -25.80 7.74
N SER B 191 -4.24 -27.12 7.75
CA SER B 191 -4.02 -27.85 9.00
C SER B 191 -2.75 -27.41 9.75
N VAL B 192 -1.62 -27.50 9.06
CA VAL B 192 -0.31 -27.30 9.70
C VAL B 192 -0.08 -25.88 10.18
N HIS B 193 -0.26 -24.89 9.31
CA HIS B 193 0.01 -23.52 9.75
C HIS B 193 -1.14 -22.93 10.51
N GLY B 194 -2.32 -23.53 10.31
CA GLY B 194 -3.48 -23.09 11.07
C GLY B 194 -3.41 -23.50 12.54
N TYR B 195 -2.97 -24.74 12.77
CA TYR B 195 -3.12 -25.42 14.08
C TYR B 195 -1.85 -26.01 14.73
N ALA B 196 -0.82 -26.30 13.93
CA ALA B 196 0.50 -26.68 14.44
C ALA B 196 1.39 -25.46 14.70
N THR B 197 1.77 -24.73 13.64
CA THR B 197 2.62 -23.54 13.80
C THR B 197 1.89 -22.28 14.26
N GLY B 198 0.59 -22.20 13.96
CA GLY B 198 -0.20 -21.02 14.38
C GLY B 198 0.21 -19.73 13.67
N LEU B 199 0.78 -19.86 12.47
CA LEU B 199 1.20 -18.67 11.67
C LEU B 199 0.10 -18.14 10.74
N TYR B 200 -0.79 -19.04 10.30
CA TYR B 200 -1.95 -18.70 9.49
C TYR B 200 -3.24 -18.80 10.32
N ALA B 201 -4.32 -18.23 9.79
CA ALA B 201 -5.63 -18.27 10.45
C ALA B 201 -6.07 -19.72 10.63
N PRO B 202 -6.67 -20.04 11.79
CA PRO B 202 -7.03 -19.13 12.88
C PRO B 202 -5.90 -18.78 13.82
N GLY B 203 -4.69 -19.24 13.53
CA GLY B 203 -3.57 -18.86 14.38
C GLY B 203 -3.55 -19.58 15.72
N ARG B 204 -3.61 -20.90 15.69
CA ARG B 204 -3.63 -21.67 16.93
C ARG B 204 -2.42 -22.60 17.08
N GLY B 205 -2.05 -22.87 18.33
CA GLY B 205 -0.99 -23.83 18.63
C GLY B 205 0.11 -23.13 19.40
N ARG B 206 -0.27 -22.45 20.46
CA ARG B 206 0.64 -21.52 21.09
C ARG B 206 1.69 -21.18 20.07
N SER B 231 -9.15 -23.67 25.75
CA SER B 231 -7.71 -23.80 25.51
C SER B 231 -7.23 -22.85 24.40
N THR B 232 -5.91 -22.70 24.28
CA THR B 232 -5.32 -21.79 23.32
C THR B 232 -4.78 -22.51 22.06
N GLY B 233 -4.96 -23.81 21.99
CA GLY B 233 -4.40 -24.60 20.89
C GLY B 233 -3.57 -25.77 21.39
N ASN B 234 -3.18 -26.64 20.47
CA ASN B 234 -2.41 -27.82 20.82
C ASN B 234 -1.92 -28.54 19.59
N PRO B 235 -0.70 -28.21 19.17
CA PRO B 235 -0.10 -28.70 17.93
C PRO B 235 0.02 -30.20 17.94
N GLY B 236 -0.15 -30.82 19.11
CA GLY B 236 -0.09 -32.28 19.19
C GLY B 236 -1.35 -32.98 18.72
N THR B 237 -2.49 -32.30 18.83
CA THR B 237 -3.79 -32.93 18.57
C THR B 237 -4.65 -32.25 17.49
N GLU B 238 -4.93 -30.97 17.68
CA GLU B 238 -5.81 -30.25 16.77
C GLU B 238 -5.50 -30.46 15.28
N PRO B 239 -4.22 -30.42 14.89
CA PRO B 239 -3.91 -30.63 13.49
C PRO B 239 -4.49 -31.92 12.95
N TYR B 240 -4.50 -32.94 13.79
CA TYR B 240 -4.98 -34.24 13.32
C TYR B 240 -6.51 -34.30 13.25
N TRP B 241 -7.19 -33.59 14.14
CA TRP B 241 -8.66 -33.54 14.09
C TRP B 241 -9.10 -32.77 12.84
N VAL B 242 -8.63 -31.52 12.76
CA VAL B 242 -8.76 -30.72 11.56
C VAL B 242 -8.54 -31.50 10.27
N THR B 243 -7.43 -32.22 10.14
CA THR B 243 -7.24 -32.98 8.90
C THR B 243 -8.32 -34.04 8.76
N HIS B 244 -8.72 -34.60 9.89
CA HIS B 244 -9.72 -35.66 9.91
C HIS B 244 -11.05 -35.07 9.41
N HIS B 245 -11.41 -33.91 9.93
CA HIS B 245 -12.64 -33.25 9.49
C HIS B 245 -12.60 -32.80 8.01
N LEU B 246 -11.43 -32.33 7.55
CA LEU B 246 -11.25 -31.97 6.15
C LEU B 246 -11.54 -33.12 5.22
N LEU B 247 -11.07 -34.30 5.57
CA LEU B 247 -11.22 -35.44 4.67
C LEU B 247 -12.66 -35.94 4.64
N LEU B 248 -13.34 -35.83 5.77
CA LEU B 248 -14.74 -36.27 5.84
C LEU B 248 -15.60 -35.27 5.07
N ALA B 249 -15.29 -33.98 5.23
CA ALA B 249 -15.94 -32.95 4.46
C ALA B 249 -15.75 -33.24 2.98
N HIS B 250 -14.53 -33.55 2.57
CA HIS B 250 -14.30 -33.78 1.16
C HIS B 250 -15.11 -34.97 0.69
N ALA B 251 -15.14 -36.01 1.51
CA ALA B 251 -15.77 -37.27 1.07
C ALA B 251 -17.31 -37.12 1.02
N ALA B 252 -17.88 -36.48 2.03
CA ALA B 252 -19.31 -36.20 2.04
C ALA B 252 -19.68 -35.49 0.72
N ALA B 253 -19.00 -34.38 0.42
CA ALA B 253 -19.28 -33.60 -0.80
C ALA B 253 -19.15 -34.42 -2.06
N VAL B 254 -18.19 -35.32 -2.11
CA VAL B 254 -18.03 -36.14 -3.31
C VAL B 254 -19.18 -37.15 -3.44
N GLU B 255 -19.59 -37.72 -2.32
CA GLU B 255 -20.77 -38.58 -2.35
C GLU B 255 -22.00 -37.77 -2.81
N LEU B 256 -22.18 -36.59 -2.22
CA LEU B 256 -23.24 -35.72 -2.64
C LEU B 256 -23.21 -35.52 -4.16
N TYR B 257 -22.06 -35.08 -4.70
CA TYR B 257 -22.01 -34.78 -6.13
C TYR B 257 -22.30 -35.99 -6.96
N LYS B 258 -21.78 -37.10 -6.49
CA LYS B 258 -21.79 -38.29 -7.31
C LYS B 258 -23.19 -38.90 -7.33
N ASN B 259 -23.85 -38.90 -6.18
CA ASN B 259 -25.21 -39.45 -6.08
C ASN B 259 -26.33 -38.55 -6.63
N LYS B 260 -26.14 -37.23 -6.59
CA LYS B 260 -27.25 -36.30 -6.84
C LYS B 260 -27.09 -35.38 -8.02
N PHE B 261 -25.89 -35.31 -8.59
CA PHE B 261 -25.64 -34.27 -9.56
C PHE B 261 -24.96 -34.79 -10.79
N GLN B 262 -24.12 -35.80 -10.61
CA GLN B 262 -23.19 -36.18 -11.67
C GLN B 262 -23.92 -36.65 -12.88
N ARG B 263 -24.99 -37.39 -12.67
CA ARG B 263 -25.71 -37.90 -13.79
C ARG B 263 -26.38 -36.78 -14.56
N GLY B 264 -26.96 -35.81 -13.85
CA GLY B 264 -27.61 -34.71 -14.53
C GLY B 264 -26.64 -33.67 -15.11
N GLN B 265 -25.55 -33.39 -14.39
CA GLN B 265 -24.63 -32.34 -14.83
C GLN B 265 -23.43 -32.85 -15.61
N GLU B 266 -23.05 -34.10 -15.34
CA GLU B 266 -21.97 -34.73 -16.07
C GLU B 266 -20.61 -34.04 -15.86
N GLY B 267 -20.34 -33.63 -14.64
CA GLY B 267 -19.08 -32.98 -14.34
C GLY B 267 -18.14 -33.99 -13.73
N GLN B 268 -17.07 -33.50 -13.11
CA GLN B 268 -16.12 -34.34 -12.43
C GLN B 268 -15.68 -33.62 -11.19
N ILE B 269 -15.30 -34.35 -10.16
CA ILE B 269 -14.94 -33.71 -8.92
C ILE B 269 -13.62 -34.30 -8.42
N GLY B 270 -12.84 -33.52 -7.68
CA GLY B 270 -11.51 -33.97 -7.26
C GLY B 270 -11.04 -33.15 -6.10
N ILE B 271 -9.74 -33.14 -5.86
CA ILE B 271 -9.18 -32.42 -4.73
C ILE B 271 -7.72 -32.08 -5.02
N SER B 272 -7.16 -31.13 -4.28
CA SER B 272 -5.84 -30.60 -4.61
C SER B 272 -4.90 -30.52 -3.43
N HIS B 273 -3.79 -31.24 -3.56
CA HIS B 273 -2.85 -31.40 -2.43
C HIS B 273 -1.50 -30.69 -2.54
N ALA B 274 -1.07 -30.13 -1.41
CA ALA B 274 0.28 -29.65 -1.25
C ALA B 274 1.27 -30.80 -1.39
N THR B 275 2.34 -30.57 -2.15
CA THR B 275 3.43 -31.53 -2.21
C THR B 275 4.76 -30.81 -2.24
N GLN B 276 5.80 -31.51 -1.80
CA GLN B 276 7.18 -31.01 -1.81
C GLN B 276 8.04 -32.23 -2.00
N TRP B 277 8.92 -32.22 -2.99
CA TRP B 277 9.77 -33.39 -3.14
C TRP B 277 10.73 -33.55 -1.98
N MET B 278 10.89 -34.80 -1.56
CA MET B 278 11.67 -35.15 -0.39
C MET B 278 12.82 -36.04 -0.87
N GLU B 279 14.04 -35.54 -0.71
CA GLU B 279 15.24 -36.26 -1.15
C GLU B 279 16.08 -36.69 0.04
N PRO B 280 16.49 -37.97 0.03
CA PRO B 280 17.36 -38.54 1.06
C PRO B 280 18.67 -37.79 1.08
N TRP B 281 19.04 -37.21 2.22
CA TRP B 281 20.28 -36.45 2.28
C TRP B 281 21.45 -37.24 1.68
N ASP B 282 21.58 -38.49 2.10
CA ASP B 282 22.60 -39.40 1.60
C ASP B 282 21.92 -40.53 0.85
N GLU B 283 22.06 -40.51 -0.48
CA GLU B 283 21.45 -41.52 -1.33
C GLU B 283 21.66 -42.94 -0.82
N ASN B 284 22.70 -43.14 -0.03
CA ASN B 284 23.01 -44.49 0.45
C ASN B 284 22.27 -44.83 1.75
N SER B 285 22.64 -44.16 2.84
CA SER B 285 21.98 -44.38 4.13
C SER B 285 20.51 -44.82 3.98
N ALA B 286 20.27 -46.13 3.90
CA ALA B 286 18.90 -46.65 3.76
C ALA B 286 17.98 -46.10 4.86
N SER B 287 18.58 -45.54 5.89
CA SER B 287 17.84 -44.86 6.93
C SER B 287 17.36 -43.46 6.48
N ASP B 288 18.03 -42.89 5.49
CA ASP B 288 17.62 -41.60 4.96
C ASP B 288 16.53 -41.82 3.93
N VAL B 289 16.67 -42.90 3.16
CA VAL B 289 15.63 -43.30 2.23
C VAL B 289 14.32 -43.46 3.01
N GLU B 290 14.46 -43.74 4.31
CA GLU B 290 13.30 -43.94 5.16
C GLU B 290 12.75 -42.64 5.69
N ALA B 291 13.64 -41.74 6.09
CA ALA B 291 13.23 -40.42 6.57
C ALA B 291 12.47 -39.68 5.47
N ALA B 292 12.90 -39.89 4.23
CA ALA B 292 12.30 -39.27 3.07
C ALA B 292 10.87 -39.78 2.86
N ALA B 293 10.73 -41.10 2.74
CA ALA B 293 9.41 -41.73 2.60
C ALA B 293 8.47 -41.44 3.78
N ARG B 294 9.02 -41.18 4.96
CA ARG B 294 8.20 -40.85 6.10
C ARG B 294 7.74 -39.40 6.01
N ALA B 295 8.59 -38.53 5.47
CA ALA B 295 8.24 -37.13 5.26
C ALA B 295 7.14 -37.02 4.20
N LEU B 296 7.21 -37.86 3.18
CA LEU B 296 6.12 -38.00 2.23
C LEU B 296 4.81 -38.42 2.92
N ASP B 297 4.76 -39.61 3.53
CA ASP B 297 3.57 -40.03 4.29
C ASP B 297 2.93 -38.89 5.09
N PHE B 298 3.73 -38.18 5.87
CA PHE B 298 3.24 -37.15 6.76
C PHE B 298 2.76 -35.87 6.05
N MET B 299 2.97 -35.80 4.74
CA MET B 299 2.57 -34.61 4.01
C MET B 299 1.50 -34.96 3.00
N LEU B 300 1.85 -35.83 2.05
CA LEU B 300 0.97 -36.24 0.99
C LEU B 300 0.16 -37.50 1.35
N GLY B 301 0.80 -38.44 2.07
CA GLY B 301 0.13 -39.68 2.45
C GLY B 301 -1.00 -39.43 3.44
N TRP B 302 -0.80 -38.44 4.29
CA TRP B 302 -1.76 -38.07 5.30
C TRP B 302 -3.16 -37.82 4.68
N PHE B 303 -3.20 -37.50 3.39
CA PHE B 303 -4.44 -37.12 2.73
C PHE B 303 -4.74 -38.12 1.65
N MET B 304 -3.71 -38.63 0.99
CA MET B 304 -3.89 -39.53 -0.15
C MET B 304 -4.13 -40.98 0.24
N GLU B 305 -3.70 -41.35 1.44
CA GLU B 305 -3.87 -42.75 1.84
C GLU B 305 -5.35 -42.97 2.12
N PRO B 306 -5.94 -42.09 2.93
CA PRO B 306 -7.38 -42.20 3.17
C PRO B 306 -8.24 -42.29 1.89
N ILE B 307 -8.04 -41.43 0.90
CA ILE B 307 -8.90 -41.56 -0.29
C ILE B 307 -8.44 -42.68 -1.20
N THR B 308 -7.46 -43.44 -0.76
CA THR B 308 -7.00 -44.55 -1.60
C THR B 308 -7.44 -45.90 -1.03
N SER B 309 -7.27 -46.07 0.28
CA SER B 309 -7.55 -47.37 0.87
C SER B 309 -8.45 -47.21 2.09
N GLY B 310 -8.73 -45.97 2.47
CA GLY B 310 -9.66 -45.75 3.55
C GLY B 310 -8.99 -45.58 4.88
N ASP B 311 -7.66 -45.50 4.90
CA ASP B 311 -6.97 -45.36 6.16
C ASP B 311 -5.69 -44.52 6.06
N TYR B 312 -5.23 -44.01 7.21
CA TYR B 312 -3.97 -43.33 7.29
C TYR B 312 -2.79 -44.25 6.96
N PRO B 313 -1.60 -43.67 6.72
CA PRO B 313 -0.45 -44.54 6.43
C PRO B 313 0.22 -45.09 7.70
N LYS B 314 0.81 -46.27 7.57
CA LYS B 314 1.38 -47.00 8.72
C LYS B 314 2.34 -46.15 9.51
N SER B 315 3.25 -45.49 8.78
CA SER B 315 4.30 -44.72 9.42
C SER B 315 3.69 -43.73 10.39
N MET B 316 2.54 -43.21 9.97
CA MET B 316 1.84 -42.18 10.72
C MET B 316 1.15 -42.80 11.93
N LYS B 317 0.51 -43.94 11.72
CA LYS B 317 -0.15 -44.62 12.84
C LYS B 317 0.85 -45.01 13.94
N LYS B 318 1.98 -45.60 13.51
CA LYS B 318 3.07 -45.92 14.42
C LYS B 318 3.54 -44.72 15.23
N PHE B 319 4.02 -43.68 14.55
CA PHE B 319 4.64 -42.56 15.27
C PHE B 319 3.66 -41.63 15.99
N VAL B 320 2.40 -41.58 15.56
CA VAL B 320 1.43 -40.69 16.22
C VAL B 320 0.60 -41.47 17.22
N GLY B 321 0.29 -42.70 16.85
CA GLY B 321 -0.36 -43.63 17.75
C GLY B 321 -1.78 -43.26 18.06
N SER B 322 -2.06 -43.03 19.34
CA SER B 322 -3.43 -42.89 19.77
C SER B 322 -3.91 -41.45 19.69
N ARG B 323 -3.01 -40.54 19.34
CA ARG B 323 -3.40 -39.17 19.12
C ARG B 323 -4.01 -39.01 17.72
N LEU B 324 -3.97 -40.09 16.95
CA LEU B 324 -4.44 -40.07 15.58
C LEU B 324 -5.79 -40.78 15.47
N PRO B 325 -6.86 -40.05 15.07
CA PRO B 325 -8.24 -40.57 15.06
C PRO B 325 -8.45 -41.73 14.12
N LYS B 326 -9.53 -42.49 14.32
CA LYS B 326 -9.84 -43.62 13.44
C LYS B 326 -11.08 -43.35 12.60
N PHE B 327 -11.20 -44.03 11.48
CA PHE B 327 -12.40 -43.95 10.65
C PHE B 327 -13.33 -45.13 10.94
N SER B 328 -14.59 -44.84 11.25
CA SER B 328 -15.61 -45.88 11.23
C SER B 328 -15.44 -46.60 9.88
N PRO B 329 -16.00 -47.80 9.75
CA PRO B 329 -15.82 -48.48 8.47
C PRO B 329 -16.72 -47.92 7.38
N GLU B 330 -17.79 -47.25 7.76
CA GLU B 330 -18.61 -46.63 6.73
C GLU B 330 -17.89 -45.40 6.23
N GLN B 331 -17.29 -44.64 7.13
CA GLN B 331 -16.39 -43.57 6.74
C GLN B 331 -15.30 -44.04 5.76
N SER B 332 -14.60 -45.11 6.10
CA SER B 332 -13.56 -45.63 5.21
C SER B 332 -14.14 -45.95 3.86
N LYS B 333 -15.38 -46.42 3.86
CA LYS B 333 -16.01 -46.87 2.64
C LYS B 333 -16.34 -45.66 1.77
N MET B 334 -16.62 -44.54 2.42
CA MET B 334 -16.99 -43.29 1.76
C MET B 334 -15.74 -42.61 1.18
N LEU B 335 -14.66 -42.56 1.97
CA LEU B 335 -13.36 -41.99 1.57
C LEU B 335 -12.66 -42.76 0.45
N LYS B 336 -12.74 -44.06 0.51
CA LYS B 336 -11.98 -44.84 -0.42
C LYS B 336 -12.48 -44.56 -1.84
N GLY B 337 -11.59 -44.07 -2.71
CA GLY B 337 -11.96 -43.81 -4.10
C GLY B 337 -12.76 -42.51 -4.34
N SER B 338 -12.82 -41.62 -3.35
CA SER B 338 -13.62 -40.42 -3.44
C SER B 338 -13.05 -39.28 -4.32
N TYR B 339 -12.89 -39.54 -5.61
CA TYR B 339 -12.39 -38.51 -6.50
C TYR B 339 -12.39 -38.98 -7.94
N ASP B 340 -12.55 -38.05 -8.87
CA ASP B 340 -12.44 -38.35 -10.31
C ASP B 340 -11.06 -38.01 -10.89
N PHE B 341 -10.34 -37.14 -10.19
CA PHE B 341 -8.99 -36.80 -10.58
C PHE B 341 -8.36 -36.22 -9.34
N VAL B 342 -7.03 -36.17 -9.31
CA VAL B 342 -6.33 -35.49 -8.24
C VAL B 342 -5.51 -34.35 -8.84
N GLY B 343 -5.36 -33.28 -8.07
CA GLY B 343 -4.48 -32.22 -8.49
C GLY B 343 -3.34 -32.16 -7.52
N LEU B 344 -2.12 -31.95 -8.04
CA LEU B 344 -0.94 -31.71 -7.20
C LEU B 344 -0.39 -30.30 -7.32
N ASN B 345 -0.10 -29.69 -6.18
CA ASN B 345 0.59 -28.44 -6.12
C ASN B 345 2.05 -28.68 -5.76
N TYR B 346 2.96 -28.12 -6.55
CA TYR B 346 4.38 -28.36 -6.36
C TYR B 346 5.16 -27.08 -6.52
N TYR B 347 5.96 -26.76 -5.52
CA TYR B 347 6.83 -25.60 -5.58
C TYR B 347 8.31 -25.93 -5.47
N THR B 348 8.66 -26.74 -4.48
CA THR B 348 10.06 -26.89 -4.09
C THR B 348 10.39 -28.29 -3.59
N ALA B 349 11.57 -28.42 -3.00
CA ALA B 349 12.10 -29.73 -2.60
C ALA B 349 13.08 -29.56 -1.47
N SER B 350 13.43 -30.69 -0.86
CA SER B 350 14.29 -30.68 0.32
C SER B 350 15.05 -32.00 0.46
N TYR B 351 16.12 -31.94 1.24
CA TYR B 351 16.85 -33.13 1.65
C TYR B 351 16.28 -33.52 2.99
N VAL B 352 16.08 -34.81 3.17
CA VAL B 352 15.58 -35.31 4.44
C VAL B 352 16.55 -36.29 5.08
N THR B 353 16.66 -36.19 6.39
CA THR B 353 17.38 -37.21 7.12
C THR B 353 16.71 -37.40 8.47
N ASN B 354 17.11 -38.44 9.18
CA ASN B 354 16.51 -38.77 10.45
C ASN B 354 16.70 -37.69 11.50
N ALA B 355 16.05 -37.85 12.65
CA ALA B 355 16.15 -36.85 13.71
C ALA B 355 16.69 -37.43 15.03
N SER B 356 17.00 -36.56 16.00
CA SER B 356 17.35 -36.99 17.37
C SER B 356 16.78 -38.37 17.71
N ASN B 364 5.15 -30.78 25.02
CA ASN B 364 5.63 -32.11 24.63
C ASN B 364 5.32 -32.46 23.18
N PHE B 365 4.12 -32.97 22.90
CA PHE B 365 3.81 -33.42 21.54
C PHE B 365 3.51 -32.29 20.54
N SER B 366 3.76 -32.57 19.27
CA SER B 366 3.59 -31.60 18.19
C SER B 366 3.74 -32.23 16.83
N TYR B 367 2.88 -31.87 15.89
CA TYR B 367 2.90 -32.48 14.57
C TYR B 367 4.31 -32.48 13.99
N ASN B 368 5.04 -31.40 14.22
CA ASN B 368 6.33 -31.25 13.58
C ASN B 368 7.31 -32.30 14.07
N THR B 369 7.38 -32.46 15.39
CA THR B 369 8.24 -33.49 15.96
C THR B 369 7.77 -34.93 15.68
N ASP B 370 6.46 -35.16 15.55
CA ASP B 370 5.99 -36.51 15.25
C ASP B 370 6.58 -37.08 13.97
N ILE B 371 7.01 -36.22 13.06
CA ILE B 371 7.54 -36.72 11.78
C ILE B 371 8.90 -37.43 11.99
N HIS B 372 9.67 -36.98 12.98
CA HIS B 372 11.02 -37.54 13.21
C HIS B 372 11.91 -37.42 11.98
N VAL B 373 12.04 -36.22 11.45
CA VAL B 373 12.99 -35.99 10.38
C VAL B 373 13.58 -34.63 10.57
N THR B 374 14.64 -34.37 9.82
CA THR B 374 15.21 -33.04 9.74
C THR B 374 15.35 -32.73 8.27
N TYR B 375 15.13 -31.46 7.95
CA TYR B 375 15.26 -31.00 6.58
C TYR B 375 16.63 -30.34 6.40
N GLU B 376 17.26 -30.61 5.26
CA GLU B 376 18.53 -29.97 4.91
C GLU B 376 18.43 -29.44 3.49
N THR B 377 18.97 -28.24 3.26
CA THR B 377 18.98 -27.63 1.94
C THR B 377 20.19 -27.97 1.05
N ASP B 378 21.33 -28.33 1.65
CA ASP B 378 22.49 -28.75 0.83
C ASP B 378 23.24 -30.02 1.23
N ARG B 379 23.85 -30.63 0.22
CA ARG B 379 24.88 -31.64 0.40
C ARG B 379 26.22 -30.98 0.27
N ASN B 380 26.94 -30.87 1.38
CA ASN B 380 28.32 -30.42 1.32
C ASN B 380 28.42 -29.07 0.69
N GLY B 381 27.75 -28.11 1.32
CA GLY B 381 27.71 -26.73 0.87
C GLY B 381 27.01 -26.45 -0.46
N VAL B 382 26.47 -27.47 -1.13
CA VAL B 382 25.73 -27.21 -2.36
C VAL B 382 24.20 -27.32 -2.16
N PRO B 383 23.51 -26.17 -2.29
CA PRO B 383 22.04 -26.09 -2.17
C PRO B 383 21.39 -27.07 -3.14
N ILE B 384 20.27 -27.66 -2.74
CA ILE B 384 19.53 -28.50 -3.66
C ILE B 384 19.12 -27.71 -4.91
N GLY B 385 18.89 -26.41 -4.75
CA GLY B 385 18.70 -25.57 -5.93
C GLY B 385 18.83 -24.12 -5.56
N PRO B 386 18.84 -23.24 -6.56
CA PRO B 386 18.95 -21.81 -6.24
C PRO B 386 17.70 -21.25 -5.56
N GLN B 387 17.89 -20.19 -4.76
CA GLN B 387 16.77 -19.46 -4.18
C GLN B 387 16.01 -18.68 -5.23
N SER B 388 14.76 -18.37 -4.90
CA SER B 388 13.91 -17.49 -5.71
C SER B 388 13.77 -16.28 -4.83
N GLY B 389 12.75 -15.47 -5.06
CA GLY B 389 12.54 -14.30 -4.22
C GLY B 389 12.31 -14.71 -2.77
N SER B 390 11.93 -15.97 -2.56
CA SER B 390 11.62 -16.49 -1.21
C SER B 390 12.64 -17.51 -0.71
N ASP B 391 13.12 -17.32 0.51
CA ASP B 391 14.22 -18.18 0.98
C ASP B 391 13.78 -19.62 1.23
N TRP B 392 12.49 -19.86 1.43
CA TRP B 392 12.01 -21.25 1.55
C TRP B 392 11.85 -21.92 0.20
N LEU B 393 11.98 -21.17 -0.87
CA LEU B 393 11.68 -21.78 -2.17
C LEU B 393 12.95 -21.99 -3.00
N LEU B 394 13.37 -23.24 -3.14
CA LEU B 394 14.59 -23.56 -3.86
C LEU B 394 14.21 -24.22 -5.15
N ILE B 395 14.83 -23.78 -6.25
CA ILE B 395 14.37 -24.20 -7.57
C ILE B 395 14.93 -25.55 -7.95
N TYR B 396 14.04 -26.52 -8.11
CA TYR B 396 14.42 -27.89 -8.34
C TYR B 396 13.47 -28.60 -9.34
N PRO B 397 13.58 -28.25 -10.63
CA PRO B 397 12.61 -28.71 -11.61
C PRO B 397 12.34 -30.21 -11.58
N GLU B 398 13.32 -30.99 -11.16
CA GLU B 398 13.23 -32.46 -11.26
C GLU B 398 12.25 -33.02 -10.24
N GLY B 399 12.10 -32.29 -9.14
CA GLY B 399 11.15 -32.65 -8.10
C GLY B 399 9.74 -32.89 -8.62
N ILE B 400 9.33 -32.12 -9.62
CA ILE B 400 7.98 -32.26 -10.12
C ILE B 400 7.82 -33.57 -10.88
N ARG B 401 8.83 -33.93 -11.64
CA ARG B 401 8.79 -35.21 -12.33
C ARG B 401 8.70 -36.34 -11.30
N LYS B 402 9.48 -36.21 -10.24
CA LYS B 402 9.54 -37.24 -9.22
C LYS B 402 8.23 -37.37 -8.46
N ILE B 403 7.81 -36.29 -7.81
CA ILE B 403 6.53 -36.23 -7.13
C ILE B 403 5.41 -36.84 -8.01
N LEU B 404 5.35 -36.48 -9.28
CA LEU B 404 4.32 -37.03 -10.17
C LEU B 404 4.40 -38.55 -10.26
N VAL B 405 5.61 -39.07 -10.48
CA VAL B 405 5.83 -40.51 -10.67
C VAL B 405 5.60 -41.28 -9.36
N TYR B 406 6.12 -40.74 -8.28
CA TYR B 406 5.86 -41.30 -6.98
C TYR B 406 4.36 -41.47 -6.71
N THR B 407 3.59 -40.43 -7.03
CA THR B 407 2.17 -40.42 -6.73
C THR B 407 1.41 -41.48 -7.49
N LYS B 408 1.67 -41.58 -8.79
CA LYS B 408 1.05 -42.64 -9.57
C LYS B 408 1.46 -44.00 -9.01
N LYS B 409 2.73 -44.15 -8.69
CA LYS B 409 3.24 -45.45 -8.27
C LYS B 409 2.69 -45.83 -6.91
N THR B 410 2.85 -44.95 -5.92
CA THR B 410 2.39 -45.24 -4.56
C THR B 410 0.87 -45.34 -4.38
N TYR B 411 0.11 -44.54 -5.12
CA TYR B 411 -1.33 -44.46 -4.89
C TYR B 411 -2.11 -44.81 -6.11
N ASN B 412 -1.44 -44.88 -7.25
CA ASN B 412 -2.09 -45.47 -8.37
C ASN B 412 -3.26 -44.63 -8.92
N VAL B 413 -3.11 -43.31 -8.88
CA VAL B 413 -4.10 -42.37 -9.42
C VAL B 413 -4.14 -42.43 -10.94
N PRO B 414 -5.33 -42.55 -11.53
CA PRO B 414 -5.42 -42.72 -12.99
C PRO B 414 -5.41 -41.40 -13.78
N LEU B 415 -5.66 -40.28 -13.10
CA LEU B 415 -5.83 -39.00 -13.76
C LEU B 415 -5.33 -37.89 -12.88
N ILE B 416 -4.37 -37.13 -13.38
CA ILE B 416 -3.74 -36.09 -12.58
C ILE B 416 -3.69 -34.76 -13.33
N TYR B 417 -3.82 -33.68 -12.59
CA TYR B 417 -3.57 -32.34 -13.08
C TYR B 417 -2.55 -31.72 -12.16
N VAL B 418 -1.64 -30.93 -12.70
CA VAL B 418 -0.86 -30.10 -11.84
C VAL B 418 -1.66 -28.82 -11.66
N THR B 419 -2.07 -28.55 -10.43
CA THR B 419 -3.02 -27.48 -10.19
C THR B 419 -2.37 -26.21 -9.70
N GLU B 420 -1.12 -26.31 -9.26
CA GLU B 420 -0.34 -25.14 -8.89
C GLU B 420 1.15 -25.40 -9.11
N ASN B 421 1.85 -24.38 -9.57
CA ASN B 421 3.28 -24.41 -9.79
C ASN B 421 3.70 -23.01 -10.21
N GLY B 422 4.60 -22.38 -9.48
CA GLY B 422 5.07 -21.08 -9.89
C GLY B 422 6.11 -20.59 -8.94
N VAL B 423 6.59 -19.35 -9.11
CA VAL B 423 7.66 -18.83 -8.26
C VAL B 423 7.47 -17.35 -8.09
N ASP B 424 8.06 -16.78 -7.03
CA ASP B 424 7.97 -15.35 -6.79
C ASP B 424 9.19 -14.56 -7.31
N ASP B 425 8.97 -13.27 -7.58
CA ASP B 425 10.01 -12.35 -8.01
C ASP B 425 10.84 -11.97 -6.76
N VAL B 426 12.10 -11.58 -7.01
CA VAL B 426 12.91 -10.95 -5.97
C VAL B 426 12.24 -9.62 -5.62
N LYS B 427 12.14 -9.32 -4.33
CA LYS B 427 11.51 -8.08 -3.91
C LYS B 427 12.38 -6.90 -4.33
N ASN B 428 11.76 -5.85 -4.85
CA ASN B 428 12.54 -4.68 -5.24
C ASN B 428 11.65 -3.54 -5.68
N THR B 429 11.39 -2.61 -4.78
CA THR B 429 10.54 -1.48 -5.05
C THR B 429 11.27 -0.37 -5.81
N ASN B 430 12.48 -0.65 -6.29
CA ASN B 430 13.28 0.37 -6.95
C ASN B 430 13.11 0.31 -8.44
N LEU B 431 12.52 -0.76 -8.94
CA LEU B 431 12.38 -0.96 -10.36
C LEU B 431 11.16 -0.22 -10.94
N THR B 432 11.33 0.30 -12.15
CA THR B 432 10.23 0.86 -12.91
C THR B 432 9.60 -0.28 -13.67
N LEU B 433 8.39 -0.05 -14.17
CA LEU B 433 7.63 -1.15 -14.76
C LEU B 433 8.33 -1.93 -15.86
N SER B 434 9.01 -1.27 -16.80
CA SER B 434 9.66 -2.08 -17.87
C SER B 434 10.74 -2.99 -17.32
N GLU B 435 11.35 -2.59 -16.20
CA GLU B 435 12.34 -3.46 -15.57
C GLU B 435 11.57 -4.52 -14.80
N ALA B 436 10.60 -4.08 -14.02
CA ALA B 436 9.83 -5.02 -13.17
C ALA B 436 9.24 -6.18 -13.93
N ARG B 437 8.92 -5.99 -15.21
CA ARG B 437 8.19 -7.06 -15.92
C ARG B 437 9.09 -8.10 -16.59
N LYS B 438 10.40 -7.89 -16.55
CA LYS B 438 11.29 -8.87 -17.17
C LYS B 438 11.55 -9.97 -16.16
N ASP B 439 10.70 -10.98 -16.18
CA ASP B 439 10.72 -11.94 -15.10
C ASP B 439 11.35 -13.20 -15.63
N SER B 440 12.67 -13.10 -15.80
CA SER B 440 13.47 -14.14 -16.41
C SER B 440 13.49 -15.40 -15.60
N MET B 441 13.63 -15.24 -14.30
CA MET B 441 13.65 -16.41 -13.46
C MET B 441 12.34 -17.17 -13.58
N ARG B 442 11.21 -16.46 -13.43
CA ARG B 442 9.91 -17.12 -13.59
C ARG B 442 9.80 -17.81 -14.93
N LEU B 443 10.21 -17.11 -15.97
CA LEU B 443 10.09 -17.69 -17.31
C LEU B 443 10.85 -19.00 -17.38
N LYS B 444 12.05 -19.01 -16.81
CA LYS B 444 12.89 -20.20 -16.89
C LYS B 444 12.30 -21.32 -16.03
N TYR B 445 11.90 -20.95 -14.83
CA TYR B 445 11.20 -21.84 -13.93
C TYR B 445 9.99 -22.49 -14.58
N LEU B 446 9.15 -21.71 -15.25
CA LEU B 446 7.99 -22.30 -15.92
C LEU B 446 8.44 -23.31 -16.95
N GLN B 447 9.37 -22.92 -17.82
CA GLN B 447 9.84 -23.80 -18.93
C GLN B 447 10.38 -25.11 -18.40
N ASP B 448 11.21 -25.00 -17.36
CA ASP B 448 11.83 -26.17 -16.77
C ASP B 448 10.79 -27.13 -16.14
N HIS B 449 9.88 -26.59 -15.33
CA HIS B 449 8.84 -27.47 -14.77
C HIS B 449 7.90 -28.07 -15.79
N ILE B 450 7.48 -27.27 -16.75
CA ILE B 450 6.63 -27.81 -17.81
C ILE B 450 7.35 -28.92 -18.62
N PHE B 451 8.64 -28.74 -18.85
CA PHE B 451 9.45 -29.77 -19.50
C PHE B 451 9.44 -31.07 -18.67
N ASN B 452 9.59 -30.92 -17.37
CA ASN B 452 9.59 -32.09 -16.50
C ASN B 452 8.26 -32.81 -16.38
N VAL B 453 7.17 -32.05 -16.39
CA VAL B 453 5.84 -32.63 -16.44
C VAL B 453 5.74 -33.49 -17.68
N ARG B 454 6.32 -33.00 -18.78
CA ARG B 454 6.34 -33.75 -20.03
C ARG B 454 7.14 -35.06 -19.92
N GLN B 455 8.14 -35.07 -19.06
CA GLN B 455 8.95 -36.26 -18.86
C GLN B 455 8.14 -37.28 -18.09
N ALA B 456 7.50 -36.82 -17.02
CA ALA B 456 6.65 -37.69 -16.22
C ALA B 456 5.62 -38.38 -17.09
N MET B 457 5.16 -37.69 -18.13
CA MET B 457 4.19 -38.31 -19.02
C MET B 457 4.86 -39.46 -19.77
N ASN B 458 6.06 -39.23 -20.30
CA ASN B 458 6.82 -40.32 -20.92
C ASN B 458 7.01 -41.49 -19.97
N ASP B 459 7.20 -41.20 -18.69
CA ASP B 459 7.30 -42.26 -17.69
C ASP B 459 6.00 -43.00 -17.42
N GLY B 460 4.94 -42.66 -18.15
CA GLY B 460 3.65 -43.34 -17.98
C GLY B 460 2.64 -42.69 -17.05
N VAL B 461 2.94 -41.49 -16.54
CA VAL B 461 1.99 -40.79 -15.68
C VAL B 461 0.99 -40.05 -16.58
N ASN B 462 -0.29 -40.20 -16.27
CA ASN B 462 -1.35 -39.65 -17.11
C ASN B 462 -1.78 -38.27 -16.63
N VAL B 463 -1.08 -37.24 -17.08
CA VAL B 463 -1.36 -35.86 -16.66
C VAL B 463 -2.22 -35.23 -17.74
N LYS B 464 -3.30 -34.56 -17.33
CA LYS B 464 -4.25 -33.99 -18.29
C LYS B 464 -4.13 -32.48 -18.44
N GLY B 465 -3.46 -31.84 -17.49
CA GLY B 465 -3.27 -30.42 -17.61
C GLY B 465 -2.34 -29.88 -16.57
N TYR B 466 -1.98 -28.62 -16.74
CA TYR B 466 -1.06 -27.95 -15.85
C TYR B 466 -1.57 -26.52 -15.71
N PHE B 467 -1.59 -26.00 -14.49
CA PHE B 467 -2.00 -24.63 -14.23
C PHE B 467 -0.88 -23.88 -13.53
N ALA B 468 -0.52 -22.72 -14.09
CA ALA B 468 0.50 -21.89 -13.46
C ALA B 468 -0.07 -21.11 -12.30
N TRP B 469 0.72 -20.93 -11.26
CA TRP B 469 0.31 -20.10 -10.15
C TRP B 469 1.27 -18.94 -10.10
N SER B 470 0.74 -17.73 -10.05
CA SER B 470 -0.70 -17.56 -10.19
C SER B 470 -0.96 -16.52 -11.27
N LEU B 471 -2.23 -16.19 -11.52
CA LEU B 471 -2.50 -15.27 -12.64
C LEU B 471 -1.98 -13.87 -12.32
N LEU B 472 -2.35 -13.37 -11.14
CA LEU B 472 -2.07 -12.01 -10.76
C LEU B 472 -1.13 -11.98 -9.56
N ASP B 473 -0.36 -10.91 -9.40
CA ASP B 473 0.32 -10.69 -8.15
C ASP B 473 -0.85 -10.48 -7.23
N ASN B 474 -0.75 -10.91 -5.97
CA ASN B 474 -1.86 -10.74 -5.03
C ASN B 474 -1.50 -10.81 -3.53
N PHE B 475 -2.49 -10.89 -2.65
CA PHE B 475 -2.27 -11.05 -1.20
C PHE B 475 -1.62 -12.42 -0.97
N GLU B 476 -0.59 -12.45 -0.14
CA GLU B 476 0.18 -13.68 0.02
C GLU B 476 0.24 -14.02 1.51
N TRP B 477 -0.94 -13.93 2.13
CA TRP B 477 -1.15 -14.47 3.44
C TRP B 477 -0.26 -13.76 4.46
N GLY B 478 0.61 -14.49 5.16
CA GLY B 478 1.53 -13.85 6.14
C GLY B 478 2.52 -12.85 5.52
N GLU B 479 2.85 -13.05 4.25
CA GLU B 479 3.73 -12.12 3.54
C GLU B 479 3.07 -10.81 3.09
N GLY B 480 1.75 -10.67 3.24
CA GLY B 480 1.08 -9.44 2.81
C GLY B 480 1.25 -9.21 1.31
N TYR B 481 1.55 -8.00 0.90
CA TYR B 481 1.66 -7.74 -0.54
C TYR B 481 3.13 -7.76 -1.09
N GLY B 482 4.09 -8.04 -0.19
CA GLY B 482 5.51 -7.97 -0.51
C GLY B 482 6.04 -8.97 -1.52
N VAL B 483 5.32 -10.06 -1.73
CA VAL B 483 5.79 -11.16 -2.55
C VAL B 483 4.91 -11.31 -3.80
N ARG B 484 5.53 -11.51 -4.96
CA ARG B 484 4.88 -11.43 -6.25
C ARG B 484 4.98 -12.71 -7.04
N PHE B 485 3.86 -13.43 -7.15
CA PHE B 485 3.83 -14.71 -7.82
C PHE B 485 3.15 -14.64 -9.17
N GLY B 486 2.67 -13.46 -9.56
CA GLY B 486 1.86 -13.38 -10.78
C GLY B 486 2.62 -13.52 -12.08
N ILE B 487 1.95 -14.05 -13.11
CA ILE B 487 2.42 -13.79 -14.45
C ILE B 487 1.88 -12.43 -14.96
N ILE B 488 1.05 -11.76 -14.14
CA ILE B 488 0.52 -10.46 -14.51
C ILE B 488 0.94 -9.53 -13.41
N HIS B 489 1.62 -8.45 -13.76
CA HIS B 489 2.15 -7.56 -12.77
C HIS B 489 1.02 -6.69 -12.31
N ILE B 490 1.07 -6.22 -11.06
CA ILE B 490 0.01 -5.40 -10.50
C ILE B 490 0.65 -4.19 -9.89
N ASP B 491 0.11 -3.02 -10.19
CA ASP B 491 0.69 -1.81 -9.69
C ASP B 491 -0.14 -1.28 -8.55
N TYR B 492 0.33 -1.52 -7.33
CA TYR B 492 -0.37 -1.16 -6.13
C TYR B 492 -0.47 0.32 -5.89
N ASN B 493 0.27 1.12 -6.66
CA ASN B 493 0.20 2.54 -6.42
C ASN B 493 -0.89 3.20 -7.27
N ASP B 494 -1.38 2.46 -8.25
CA ASP B 494 -2.30 3.01 -9.22
C ASP B 494 -3.51 2.10 -9.50
N ASN B 495 -4.41 1.98 -8.53
CA ASN B 495 -5.60 1.13 -8.68
C ASN B 495 -5.36 -0.27 -9.19
N PHE B 496 -4.24 -0.89 -8.82
CA PHE B 496 -4.04 -2.29 -9.19
C PHE B 496 -4.03 -2.50 -10.68
N ALA B 497 -3.54 -1.51 -11.42
CA ALA B 497 -3.34 -1.67 -12.88
C ALA B 497 -2.64 -2.95 -13.14
N ARG B 498 -3.09 -3.68 -14.15
CA ARG B 498 -2.56 -4.99 -14.54
C ARG B 498 -1.72 -4.83 -15.81
N TYR B 499 -0.62 -5.57 -15.92
CA TYR B 499 0.26 -5.49 -17.08
C TYR B 499 0.97 -6.82 -17.18
N PRO B 500 1.00 -7.43 -18.36
CA PRO B 500 1.63 -8.75 -18.47
C PRO B 500 3.18 -8.73 -18.34
N LYS B 501 3.73 -9.76 -17.70
CA LYS B 501 5.15 -9.98 -17.57
C LYS B 501 5.56 -10.80 -18.78
N ASP B 502 6.87 -10.91 -19.02
CA ASP B 502 7.35 -11.68 -20.16
C ASP B 502 6.89 -13.11 -20.03
N SER B 503 6.71 -13.61 -18.82
CA SER B 503 6.25 -15.02 -18.70
C SER B 503 4.89 -15.23 -19.34
N ALA B 504 4.00 -14.25 -19.17
CA ALA B 504 2.65 -14.29 -19.73
C ALA B 504 2.69 -14.28 -21.25
N VAL B 505 3.49 -13.36 -21.79
CA VAL B 505 3.65 -13.27 -23.24
C VAL B 505 4.21 -14.57 -23.77
N TRP B 506 5.16 -15.15 -23.04
CA TRP B 506 5.72 -16.43 -23.50
C TRP B 506 4.69 -17.59 -23.46
N LEU B 507 3.96 -17.67 -22.36
CA LEU B 507 2.85 -18.63 -22.25
C LEU B 507 1.85 -18.49 -23.42
N MET B 508 1.44 -17.25 -23.71
CA MET B 508 0.52 -17.00 -24.81
C MET B 508 1.11 -17.52 -26.12
N ASN B 509 2.35 -17.11 -26.41
CA ASN B 509 2.97 -17.49 -27.67
C ASN B 509 3.27 -18.97 -27.80
N SER B 510 3.63 -19.61 -26.70
CA SER B 510 4.04 -21.02 -26.76
C SER B 510 2.90 -22.01 -26.57
N PHE B 511 1.81 -21.58 -25.94
CA PHE B 511 0.71 -22.52 -25.62
C PHE B 511 -0.69 -22.10 -26.06
N HIS B 512 -0.80 -21.13 -26.94
CA HIS B 512 -2.09 -20.61 -27.31
C HIS B 512 -2.99 -21.66 -27.94
N LYS B 513 -4.16 -21.86 -27.34
CA LYS B 513 -5.29 -22.48 -28.03
C LYS B 513 -6.49 -22.71 -27.13
O16 SCG C . 14.22 17.99 7.11
C10 SCG C . 13.43 18.92 7.37
C9 SCG C . 11.93 18.77 7.07
C3 SCG C . 11.35 20.08 6.49
C2 SCG C . 10.27 19.81 5.43
C7 SCG C . 10.40 18.34 4.94
C8 SCG C . 11.17 17.42 5.65
C1 SCG C . 8.85 20.09 5.95
O5 SCG C . 8.72 21.41 6.46
C5 SCG C . 9.54 21.59 7.53
C4 SCG C . 10.79 20.98 7.61
C12 SCG C . 11.61 21.26 8.88
O14 SCG C . 11.08 22.08 9.84
C15 SCG C . 11.52 23.46 9.61
O13 SCG C . 12.73 20.77 9.03
O1 SCG C . 7.86 20.12 4.91
C17 SCG C . 6.56 19.85 5.42
O22 SCG C . 6.65 18.44 5.74
C21 SCG C . 5.40 17.87 6.00
C23 SCG C . 5.66 16.44 6.53
O24 SCG C . 6.23 15.59 5.51
C20 SCG C . 4.58 17.90 4.71
O25 SCG C . 3.34 17.21 4.93
C19 SCG C . 4.31 19.33 4.17
O26 SCG C . 3.95 19.27 2.78
C18 SCG C . 5.55 20.25 4.30
O27 SCG C . 5.12 21.61 4.47
O16 SCG D . 6.83 -23.06 4.24
C10 SCG D . 6.25 -23.65 3.32
C9 SCG D . 5.34 -22.89 2.34
C3 SCG D . 4.14 -23.74 1.87
C2 SCG D . 2.90 -22.87 1.56
C7 SCG D . 3.04 -21.46 2.18
C8 SCG D . 4.27 -21.03 2.69
C1 SCG D . 2.55 -22.78 0.04
O5 SCG D . 2.53 -24.07 -0.58
C5 SCG D . 3.72 -24.72 -0.46
C4 SCG D . 4.54 -24.62 0.66
C12 SCG D . 5.85 -25.43 0.68
O14 SCG D . 6.20 -26.18 -0.41
C15 SCG D . 5.43 -27.48 -0.42
O13 SCG D . 6.61 -25.37 1.65
O1 SCG D . 1.20 -22.37 -0.19
C17 SCG D . 0.98 -21.62 -1.43
O22 SCG D . 1.75 -20.42 -1.19
C21 SCG D . 1.57 -19.48 -2.24
C23 SCG D . 2.61 -18.35 -2.03
O24 SCG D . 2.34 -17.67 -0.80
C20 SCG D . 0.13 -18.94 -2.19
O25 SCG D . -0.04 -17.91 -3.19
C19 SCG D . -0.95 -20.06 -2.33
O26 SCG D . -2.20 -19.61 -1.75
C18 SCG D . -0.55 -21.40 -1.66
O27 SCG D . -1.16 -22.52 -2.37
CL CL E . 10.04 2.70 -18.12
CL CL F . -29.27 -24.37 9.17
#